data_4KCT
#
_entry.id   4KCT
#
_cell.length_a   102.990
_cell.length_b   108.170
_cell.length_c   264.490
_cell.angle_alpha   90.00
_cell.angle_beta   90.00
_cell.angle_gamma   90.00
#
_symmetry.space_group_name_H-M   'I 2 2 2'
#
loop_
_entity.id
_entity.type
_entity.pdbx_description
1 polymer 'Pyruvate kinase 1'
2 non-polymer 'MAGNESIUM ION'
3 non-polymer 'POTASSIUM ION'
4 non-polymer 'PYRUVIC ACID'
5 non-polymer 2,6-di-O-phosphono-beta-D-fructofuranose
6 non-polymer GLYCEROL
7 water water
#
_entity_poly.entity_id   1
_entity_poly.type   'polypeptide(L)'
_entity_poly.pdbx_seq_one_letter_code
;MSQLEHNIGLSIFEPVAKHRANRIVCTIGPSTQSVEALKNLMKSGMSVARMNFSHGSHEYHQTTINNVRAAAAELGLHIG
IALDTKGPEIRTGLFKDGEVSFAPGDIVCVTTDPAYEKVGTKEKFYIDYPQLTNAVRPGGSIYVDDGVMTLRVVSKEDDR
TLKCHVNNHHRLTDRRGINLPGCEVDLPAVSEKDRKDLEFGVAQGVDMIFASFIRTAEQVREVRAALGEKGKDILIISKI
ENHQGVQNIDSIIEASNGIMVARGDLGVEIPAEKVCVAQMCIISKCNVVGKPVICATQMLESMTSNPRPTRAEVSDVANA
VLNGADCVMLSGETAKGKYPNEVVQYMARICVEAQSATHDTVMFNSIKNLQKIPMCPEEAVCSSAVASAFEVQAKAMLVL
SNTGRSARLISKYRPNCPIICVTTRLQTCRQLNVTRSVVSVFYDAAKSGEDKDKEKRVKLGLDFAKKEKYASTGDVVVVV
HADHSVKGYPNQTRLIYLP
;
_entity_poly.pdbx_strand_id   B,A
#
loop_
_chem_comp.id
_chem_comp.type
_chem_comp.name
_chem_comp.formula
FDP D-saccharide, beta linking 2,6-di-O-phosphono-beta-D-fructofuranose 'C6 H14 O12 P2'
GOL non-polymer GLYCEROL 'C3 H8 O3'
K non-polymer 'POTASSIUM ION' 'K 1'
MG non-polymer 'MAGNESIUM ION' 'Mg 2'
PYR non-polymer 'PYRUVIC ACID' 'C3 H4 O3'
#
# COMPACT_ATOMS: atom_id res chain seq x y z
N SER A 2 4.71 -17.14 13.37
CA SER A 2 3.78 -16.76 12.30
C SER A 2 3.78 -15.24 12.15
N GLN A 3 3.41 -14.77 10.98
CA GLN A 3 3.32 -13.34 10.76
C GLN A 3 2.25 -12.75 11.69
N LEU A 4 1.16 -13.51 11.90
CA LEU A 4 0.08 -13.03 12.78
C LEU A 4 0.59 -12.83 14.18
N GLU A 5 1.31 -13.81 14.70
CA GLU A 5 1.87 -13.71 16.05
C GLU A 5 2.90 -12.58 16.15
N HIS A 6 3.70 -12.41 15.10
CA HIS A 6 4.63 -11.30 15.06
C HIS A 6 3.90 -9.95 15.13
N ASN A 7 2.81 -9.81 14.37
CA ASN A 7 2.10 -8.52 14.29
C ASN A 7 1.49 -8.14 15.64
N ILE A 8 0.93 -9.11 16.34
CA ILE A 8 0.22 -8.78 17.57
C ILE A 8 1.18 -8.35 18.66
N GLY A 9 2.46 -8.65 18.47
CA GLY A 9 3.49 -8.21 19.42
C GLY A 9 4.21 -6.90 19.05
N LEU A 10 3.80 -6.26 17.94
CA LEU A 10 4.47 -5.00 17.52
C LEU A 10 4.13 -3.87 18.51
N SER A 11 5.06 -2.97 18.76
CA SER A 11 4.74 -1.71 19.50
C SER A 11 5.16 -0.47 18.73
N ILE A 12 4.25 0.50 18.56
CA ILE A 12 4.61 1.84 18.04
C ILE A 12 5.49 2.64 19.01
N PHE A 13 5.62 2.15 20.23
CA PHE A 13 6.28 2.94 21.29
C PHE A 13 7.78 2.69 21.40
N GLU A 14 8.27 1.60 20.83
CA GLU A 14 9.70 1.22 20.99
C GLU A 14 10.58 2.02 20.03
N PRO A 15 11.88 2.15 20.36
CA PRO A 15 12.80 2.87 19.45
C PRO A 15 12.99 2.10 18.14
N VAL A 16 13.10 2.81 17.03
CA VAL A 16 13.28 2.19 15.73
C VAL A 16 14.75 1.94 15.47
N ALA A 17 15.05 1.08 14.48
CA ALA A 17 16.43 0.84 14.05
C ALA A 17 17.19 2.16 13.88
N LYS A 18 18.47 2.17 14.25
CA LYS A 18 19.30 3.36 14.07
C LYS A 18 19.85 3.48 12.65
N HIS A 19 20.02 2.35 11.96
CA HIS A 19 20.69 2.37 10.65
C HIS A 19 19.77 1.87 9.57
N ARG A 20 19.38 2.75 8.67
CA ARG A 20 18.38 2.41 7.67
C ARG A 20 19.02 1.43 6.69
N ALA A 21 18.33 0.32 6.42
CA ALA A 21 18.85 -0.70 5.51
C ALA A 21 18.47 -0.44 4.06
N ASN A 22 17.24 0.03 3.84
CA ASN A 22 16.77 0.20 2.45
C ASN A 22 17.30 1.47 1.81
N ARG A 23 17.26 1.51 0.47
CA ARG A 23 17.96 2.56 -0.28
C ARG A 23 16.96 3.34 -1.13
N ILE A 24 17.25 4.63 -1.36
CA ILE A 24 16.33 5.55 -2.02
C ILE A 24 16.94 6.09 -3.33
N VAL A 25 16.21 5.89 -4.43
CA VAL A 25 16.60 6.40 -5.74
C VAL A 25 15.75 7.65 -6.02
N CYS A 26 16.40 8.77 -6.30
CA CYS A 26 15.69 10.04 -6.60
C CYS A 26 15.95 10.46 -8.02
N THR A 27 14.87 10.79 -8.73
CA THR A 27 14.96 11.41 -10.05
C THR A 27 15.31 12.89 -9.95
N ILE A 28 16.29 13.31 -10.75
CA ILE A 28 16.74 14.70 -10.73
C ILE A 28 15.99 15.51 -11.82
N GLY A 29 15.61 16.73 -11.47
CA GLY A 29 14.91 17.62 -12.41
C GLY A 29 15.06 19.04 -11.94
N PRO A 30 14.26 19.97 -12.49
CA PRO A 30 14.43 21.38 -12.16
C PRO A 30 14.35 21.66 -10.65
N SER A 31 13.61 20.86 -9.89
CA SER A 31 13.56 21.08 -8.44
C SER A 31 14.88 20.77 -7.75
N THR A 32 15.68 19.88 -8.36
CA THR A 32 16.76 19.23 -7.63
C THR A 32 18.16 19.29 -8.29
N GLN A 33 18.29 19.96 -9.44
CA GLN A 33 19.53 19.82 -10.22
C GLN A 33 20.75 20.58 -9.67
N SER A 34 20.51 21.64 -8.92
CA SER A 34 21.61 22.47 -8.48
C SER A 34 22.49 21.71 -7.48
N VAL A 35 23.77 22.08 -7.39
CA VAL A 35 24.65 21.42 -6.45
C VAL A 35 24.10 21.53 -5.02
N GLU A 36 23.58 22.70 -4.67
CA GLU A 36 23.06 22.85 -3.33
CA GLU A 36 22.99 22.92 -3.34
C GLU A 36 21.82 21.97 -3.11
N ALA A 37 20.94 21.87 -4.11
CA ALA A 37 19.76 21.02 -3.97
C ALA A 37 20.20 19.58 -3.82
N LEU A 38 21.20 19.17 -4.59
CA LEU A 38 21.66 17.78 -4.56
C LEU A 38 22.28 17.44 -3.21
N LYS A 39 23.06 18.37 -2.65
CA LYS A 39 23.63 18.13 -1.32
C LYS A 39 22.54 17.89 -0.29
N ASN A 40 21.50 18.71 -0.32
CA ASN A 40 20.38 18.50 0.57
C ASN A 40 19.68 17.16 0.34
N LEU A 41 19.49 16.79 -0.92
CA LEU A 41 18.91 15.49 -1.24
C LEU A 41 19.76 14.36 -0.65
N MET A 42 21.08 14.46 -0.79
CA MET A 42 21.98 13.45 -0.25
C MET A 42 21.89 13.39 1.27
N LYS A 43 21.90 14.57 1.91
CA LYS A 43 21.75 14.59 3.37
C LYS A 43 20.42 14.02 3.77
N SER A 44 19.41 14.21 2.93
CA SER A 44 18.07 13.71 3.27
C SER A 44 17.94 12.19 3.11
N GLY A 45 18.81 11.59 2.29
CA GLY A 45 18.84 10.13 2.14
C GLY A 45 18.88 9.57 0.72
N MET A 46 19.14 10.41 -0.27
CA MET A 46 19.29 9.88 -1.64
C MET A 46 20.58 9.05 -1.72
N SER A 47 20.48 7.83 -2.23
CA SER A 47 21.67 7.00 -2.52
C SER A 47 22.02 6.95 -4.01
N VAL A 48 21.01 7.06 -4.87
CA VAL A 48 21.23 6.97 -6.35
C VAL A 48 20.44 8.07 -7.01
N ALA A 49 21.10 8.80 -7.92
CA ALA A 49 20.47 9.84 -8.70
C ALA A 49 20.04 9.30 -10.07
N ARG A 50 18.74 9.37 -10.34
CA ARG A 50 18.20 8.86 -11.60
C ARG A 50 18.02 10.02 -12.59
N MET A 51 18.62 9.86 -13.77
CA MET A 51 18.39 10.75 -14.89
C MET A 51 17.38 10.09 -15.83
N ASN A 52 16.26 10.76 -16.05
CA ASN A 52 15.23 10.27 -16.91
C ASN A 52 15.43 10.77 -18.32
N PHE A 53 16.03 9.94 -19.16
CA PHE A 53 16.36 10.36 -20.53
C PHE A 53 15.16 10.33 -21.45
N SER A 54 13.97 10.06 -20.92
CA SER A 54 12.76 10.38 -21.67
C SER A 54 12.64 11.87 -21.97
N HIS A 55 13.25 12.71 -21.13
CA HIS A 55 13.23 14.18 -21.35
C HIS A 55 14.61 14.73 -21.24
N GLY A 56 14.82 15.95 -21.75
CA GLY A 56 16.07 16.69 -21.55
C GLY A 56 17.17 16.32 -22.52
N SER A 57 18.03 17.28 -22.86
CA SER A 57 19.12 17.03 -23.81
C SER A 57 20.29 16.33 -23.10
N HIS A 58 21.29 15.89 -23.86
CA HIS A 58 22.55 15.47 -23.25
C HIS A 58 23.19 16.55 -22.43
N GLU A 59 23.10 17.79 -22.90
CA GLU A 59 23.63 18.91 -22.14
C GLU A 59 22.96 19.05 -20.76
N TYR A 60 21.64 18.90 -20.72
CA TYR A 60 20.91 18.94 -19.45
C TYR A 60 21.43 17.85 -18.48
N HIS A 61 21.56 16.63 -18.99
CA HIS A 61 21.95 15.52 -18.15
C HIS A 61 23.40 15.57 -17.79
N GLN A 62 24.22 16.19 -18.65
CA GLN A 62 25.61 16.42 -18.27
C GLN A 62 25.71 17.29 -17.02
N THR A 63 24.88 18.33 -16.96
CA THR A 63 24.82 19.20 -15.78
C THR A 63 24.48 18.37 -14.51
N THR A 64 23.51 17.48 -14.63
CA THR A 64 23.16 16.59 -13.52
C THR A 64 24.35 15.75 -13.08
N ILE A 65 24.99 15.11 -14.04
CA ILE A 65 26.16 14.31 -13.75
C ILE A 65 27.24 15.14 -13.04
N ASN A 66 27.56 16.32 -13.59
CA ASN A 66 28.60 17.14 -12.98
C ASN A 66 28.21 17.61 -11.59
N ASN A 67 26.95 18.02 -11.44
CA ASN A 67 26.50 18.53 -10.16
C ASN A 67 26.42 17.44 -9.10
N VAL A 68 26.01 16.24 -9.49
CA VAL A 68 25.92 15.10 -8.55
C VAL A 68 27.32 14.78 -8.03
N ARG A 69 28.30 14.74 -8.93
CA ARG A 69 29.67 14.46 -8.53
C ARG A 69 30.30 15.55 -7.64
N ALA A 70 30.02 16.81 -7.96
CA ALA A 70 30.48 17.92 -7.09
C ALA A 70 29.82 17.89 -5.70
N ALA A 71 28.51 17.65 -5.67
CA ALA A 71 27.80 17.56 -4.40
C ALA A 71 28.33 16.37 -3.56
N ALA A 72 28.47 15.21 -4.21
CA ALA A 72 28.94 14.03 -3.50
C ALA A 72 30.38 14.23 -2.96
N ALA A 73 31.24 14.86 -3.76
CA ALA A 73 32.64 15.08 -3.36
C ALA A 73 32.70 16.03 -2.19
N GLU A 74 31.86 17.06 -2.22
CA GLU A 74 31.76 17.99 -1.10
C GLU A 74 31.38 17.29 0.22
N LEU A 75 30.51 16.29 0.14
CA LEU A 75 30.06 15.60 1.35
C LEU A 75 30.83 14.31 1.65
N GLY A 76 31.74 13.94 0.75
CA GLY A 76 32.53 12.71 0.94
C GLY A 76 31.68 11.45 0.77
N LEU A 77 30.68 11.51 -0.10
CA LEU A 77 29.78 10.38 -0.32
C LEU A 77 30.04 9.71 -1.66
N HIS A 78 29.63 8.45 -1.77
CA HIS A 78 29.63 7.73 -3.02
C HIS A 78 28.20 7.60 -3.46
N ILE A 79 27.82 8.30 -4.52
CA ILE A 79 26.43 8.31 -4.97
C ILE A 79 26.33 7.68 -6.37
N GLY A 80 25.45 6.69 -6.53
CA GLY A 80 25.26 6.04 -7.81
C GLY A 80 24.60 7.00 -8.79
N ILE A 81 24.95 6.87 -10.07
CA ILE A 81 24.27 7.63 -11.11
C ILE A 81 23.64 6.65 -12.12
N ALA A 82 22.31 6.75 -12.28
CA ALA A 82 21.57 5.84 -13.14
C ALA A 82 21.05 6.57 -14.37
N LEU A 83 21.13 5.91 -15.51
CA LEU A 83 20.58 6.46 -16.76
C LEU A 83 19.34 5.65 -17.13
N ASP A 84 18.17 6.28 -17.08
CA ASP A 84 16.89 5.58 -17.35
C ASP A 84 16.46 5.86 -18.79
N THR A 85 16.48 4.83 -19.65
CA THR A 85 16.35 5.07 -21.10
C THR A 85 14.93 5.49 -21.48
N LYS A 86 14.81 6.20 -22.59
CA LYS A 86 13.48 6.48 -23.15
C LYS A 86 12.78 5.17 -23.56
N GLY A 87 13.46 4.32 -24.30
CA GLY A 87 12.90 3.03 -24.65
C GLY A 87 11.94 3.12 -25.83
N PRO A 88 11.35 1.98 -26.20
CA PRO A 88 10.50 1.86 -27.37
C PRO A 88 9.15 2.47 -27.10
N GLU A 89 8.48 2.96 -28.14
CA GLU A 89 7.12 3.43 -27.96
C GLU A 89 6.29 3.28 -29.22
N ILE A 90 5.01 3.07 -29.02
CA ILE A 90 4.07 3.12 -30.12
C ILE A 90 3.24 4.36 -29.91
N ARG A 91 3.08 5.14 -30.98
CA ARG A 91 2.29 6.34 -30.91
C ARG A 91 1.29 6.42 -32.06
N THR A 92 0.25 7.24 -31.86
CA THR A 92 -0.64 7.62 -32.96
C THR A 92 0.13 8.47 -33.95
N GLY A 93 -0.48 8.71 -35.11
CA GLY A 93 -0.08 9.81 -35.98
C GLY A 93 -0.58 11.16 -35.48
N LEU A 94 -0.53 12.15 -36.37
CA LEU A 94 -1.12 13.46 -36.10
C LEU A 94 -2.59 13.47 -36.48
N PHE A 95 -3.27 14.54 -36.08
CA PHE A 95 -4.68 14.73 -36.36
C PHE A 95 -4.87 16.05 -37.08
N LYS A 96 -5.83 16.11 -37.99
CA LYS A 96 -6.26 17.41 -38.55
C LYS A 96 -6.52 18.45 -37.46
N ASP A 97 -6.12 19.68 -37.74
CA ASP A 97 -6.27 20.77 -36.76
C ASP A 97 -5.57 20.47 -35.45
N GLY A 98 -4.86 19.35 -35.41
CA GLY A 98 -4.02 19.04 -34.26
C GLY A 98 -4.79 18.46 -33.07
N GLU A 99 -6.07 18.19 -33.22
CA GLU A 99 -6.87 17.61 -32.14
C GLU A 99 -8.15 17.01 -32.66
N VAL A 100 -8.63 15.96 -32.00
CA VAL A 100 -9.92 15.36 -32.30
C VAL A 100 -10.56 14.88 -31.00
N SER A 101 -11.88 15.05 -30.88
CA SER A 101 -12.60 14.59 -29.69
C SER A 101 -13.50 13.40 -29.98
N PHE A 102 -13.43 12.38 -29.11
CA PHE A 102 -14.24 11.17 -29.27
C PHE A 102 -15.23 11.06 -28.13
N ALA A 103 -16.34 10.38 -28.40
CA ALA A 103 -17.35 10.10 -27.39
C ALA A 103 -17.61 8.60 -27.35
N PRO A 104 -18.06 8.08 -26.20
CA PRO A 104 -18.41 6.65 -26.12
C PRO A 104 -19.30 6.25 -27.27
N GLY A 105 -19.05 5.07 -27.83
CA GLY A 105 -19.87 4.56 -28.92
C GLY A 105 -19.40 4.99 -30.31
N ASP A 106 -18.55 6.01 -30.37
CA ASP A 106 -17.92 6.37 -31.65
C ASP A 106 -17.19 5.16 -32.22
N ILE A 107 -17.31 4.97 -33.53
CA ILE A 107 -16.65 3.89 -34.22
C ILE A 107 -15.52 4.50 -35.06
N VAL A 108 -14.29 4.05 -34.80
CA VAL A 108 -13.12 4.66 -35.42
C VAL A 108 -12.23 3.57 -36.00
N CYS A 109 -11.75 3.78 -37.24
CA CYS A 109 -10.80 2.87 -37.81
C CYS A 109 -9.38 3.28 -37.44
N VAL A 110 -8.61 2.31 -36.95
CA VAL A 110 -7.21 2.56 -36.69
C VAL A 110 -6.39 1.80 -37.72
N THR A 111 -5.43 2.50 -38.32
CA THR A 111 -4.71 1.93 -39.46
C THR A 111 -3.19 2.00 -39.26
N THR A 112 -2.47 1.02 -39.82
CA THR A 112 -1.02 1.06 -39.85
C THR A 112 -0.52 1.51 -41.25
N ASP A 113 -1.47 1.92 -42.10
CA ASP A 113 -1.13 2.55 -43.40
C ASP A 113 -0.57 3.95 -43.21
N PRO A 114 0.73 4.13 -43.49
CA PRO A 114 1.38 5.40 -43.19
C PRO A 114 0.90 6.55 -44.08
N ALA A 115 0.05 6.26 -45.07
CA ALA A 115 -0.62 7.35 -45.81
C ALA A 115 -1.40 8.26 -44.84
N TYR A 116 -1.90 7.68 -43.75
CA TYR A 116 -2.81 8.39 -42.85
C TYR A 116 -2.09 9.05 -41.68
N GLU A 117 -0.75 9.00 -41.69
CA GLU A 117 0.03 9.39 -40.53
C GLU A 117 -0.24 10.83 -40.10
N LYS A 118 -0.46 11.72 -41.06
CA LYS A 118 -0.53 13.14 -40.75
C LYS A 118 -1.91 13.74 -40.78
N VAL A 119 -2.92 12.89 -40.99
CA VAL A 119 -4.30 13.37 -41.26
C VAL A 119 -5.33 12.56 -40.50
N GLY A 120 -5.10 12.31 -39.22
CA GLY A 120 -6.04 11.55 -38.45
C GLY A 120 -7.32 12.32 -38.20
N THR A 121 -8.44 11.61 -38.23
CA THR A 121 -9.74 12.23 -37.98
C THR A 121 -10.51 11.37 -36.97
N LYS A 122 -11.70 11.82 -36.61
CA LYS A 122 -12.65 11.02 -35.82
C LYS A 122 -12.93 9.67 -36.50
N GLU A 123 -12.81 9.62 -37.83
CA GLU A 123 -13.18 8.42 -38.60
C GLU A 123 -12.03 7.41 -38.65
N LYS A 124 -10.81 7.92 -38.73
CA LYS A 124 -9.67 7.09 -39.01
C LYS A 124 -8.37 7.76 -38.63
N PHE A 125 -7.52 7.05 -37.91
CA PHE A 125 -6.21 7.58 -37.59
C PHE A 125 -5.14 6.50 -37.52
N TYR A 126 -3.90 6.94 -37.51
CA TYR A 126 -2.76 6.08 -37.77
C TYR A 126 -2.13 5.66 -36.43
N ILE A 127 -1.64 4.42 -36.37
CA ILE A 127 -0.79 3.97 -35.25
C ILE A 127 0.48 3.37 -35.84
N ASP A 128 1.65 3.79 -35.32
CA ASP A 128 2.92 3.55 -36.01
C ASP A 128 3.57 2.19 -35.66
N TYR A 129 2.74 1.17 -35.44
CA TYR A 129 3.25 -0.21 -35.20
C TYR A 129 2.72 -1.18 -36.26
N PRO A 130 3.59 -1.62 -37.20
CA PRO A 130 3.12 -2.30 -38.42
C PRO A 130 2.47 -3.63 -38.17
N GLN A 131 2.84 -4.30 -37.09
CA GLN A 131 2.23 -5.58 -36.76
C GLN A 131 0.90 -5.47 -36.00
N LEU A 132 0.32 -4.28 -35.96
CA LEU A 132 -0.87 -4.05 -35.11
C LEU A 132 -1.97 -5.11 -35.31
N THR A 133 -2.28 -5.46 -36.56
CA THR A 133 -3.42 -6.35 -36.83
C THR A 133 -3.10 -7.80 -36.55
N ASN A 134 -1.83 -8.11 -36.32
CA ASN A 134 -1.47 -9.41 -35.76
C ASN A 134 -1.47 -9.42 -34.24
N ALA A 135 -1.17 -8.27 -33.65
CA ALA A 135 -0.96 -8.20 -32.21
C ALA A 135 -2.28 -8.23 -31.45
N VAL A 136 -3.27 -7.49 -31.95
CA VAL A 136 -4.54 -7.36 -31.24
C VAL A 136 -5.72 -7.92 -32.04
N ARG A 137 -6.56 -8.70 -31.36
CA ARG A 137 -7.64 -9.44 -32.00
C ARG A 137 -8.98 -8.79 -31.64
N PRO A 138 -10.02 -9.03 -32.47
CA PRO A 138 -11.36 -8.54 -32.13
C PRO A 138 -11.72 -8.88 -30.68
N GLY A 139 -12.25 -7.91 -29.95
CA GLY A 139 -12.56 -8.09 -28.53
C GLY A 139 -11.44 -7.62 -27.63
N GLY A 140 -10.23 -7.48 -28.17
CA GLY A 140 -9.12 -6.93 -27.41
C GLY A 140 -9.21 -5.41 -27.27
N SER A 141 -8.29 -4.83 -26.51
CA SER A 141 -8.28 -3.40 -26.28
C SER A 141 -7.04 -2.72 -26.86
N ILE A 142 -7.23 -1.47 -27.27
CA ILE A 142 -6.13 -0.58 -27.50
C ILE A 142 -6.29 0.59 -26.57
N TYR A 143 -5.23 0.92 -25.84
CA TYR A 143 -5.26 2.03 -24.92
C TYR A 143 -4.55 3.20 -25.58
N VAL A 144 -5.08 4.40 -25.38
CA VAL A 144 -4.49 5.57 -25.96
C VAL A 144 -4.25 6.63 -24.89
N ASP A 145 -3.10 7.29 -24.97
CA ASP A 145 -2.78 8.41 -24.11
C ASP A 145 -2.58 7.96 -22.67
N ASP A 146 -1.62 7.06 -22.50
CA ASP A 146 -1.31 6.48 -21.20
C ASP A 146 -2.54 5.89 -20.52
N GLY A 147 -3.37 5.20 -21.31
CA GLY A 147 -4.47 4.42 -20.78
C GLY A 147 -5.76 5.19 -20.60
N VAL A 148 -5.73 6.50 -20.87
CA VAL A 148 -6.86 7.38 -20.56
C VAL A 148 -8.08 7.13 -21.45
N MET A 149 -7.85 6.89 -22.73
CA MET A 149 -8.92 6.46 -23.59
C MET A 149 -8.73 5.00 -23.91
N THR A 150 -9.82 4.25 -23.96
CA THR A 150 -9.72 2.87 -24.36
C THR A 150 -10.66 2.56 -25.52
N LEU A 151 -10.15 1.78 -26.47
CA LEU A 151 -10.92 1.31 -27.61
C LEU A 151 -11.05 -0.18 -27.50
N ARG A 152 -12.22 -0.70 -27.86
CA ARG A 152 -12.40 -2.12 -28.05
C ARG A 152 -12.34 -2.42 -29.52
N VAL A 153 -11.54 -3.41 -29.90
CA VAL A 153 -11.41 -3.77 -31.30
C VAL A 153 -12.65 -4.58 -31.70
N VAL A 154 -13.39 -4.09 -32.69
CA VAL A 154 -14.63 -4.75 -33.13
C VAL A 154 -14.33 -5.78 -34.20
N SER A 155 -13.58 -5.38 -35.21
CA SER A 155 -13.29 -6.29 -36.32
C SER A 155 -12.02 -5.88 -37.05
N LYS A 156 -11.42 -6.84 -37.73
CA LYS A 156 -10.33 -6.55 -38.64
C LYS A 156 -10.87 -6.32 -40.05
N GLU A 157 -10.62 -5.12 -40.61
CA GLU A 157 -11.16 -4.76 -41.94
C GLU A 157 -10.29 -5.24 -43.10
N ASP A 158 -8.98 -5.05 -42.97
CA ASP A 158 -8.00 -5.64 -43.91
C ASP A 158 -6.69 -5.77 -43.15
N ASP A 159 -5.61 -6.13 -43.81
CA ASP A 159 -4.41 -6.51 -43.05
C ASP A 159 -3.72 -5.31 -42.40
N ARG A 160 -4.24 -4.11 -42.67
CA ARG A 160 -3.70 -2.91 -42.02
C ARG A 160 -4.70 -2.07 -41.21
N THR A 161 -5.91 -2.58 -41.01
CA THR A 161 -6.98 -1.73 -40.47
C THR A 161 -7.92 -2.46 -39.51
N LEU A 162 -8.09 -1.88 -38.33
CA LEU A 162 -9.04 -2.38 -37.36
C LEU A 162 -10.17 -1.37 -37.18
N LYS A 163 -11.39 -1.87 -37.09
CA LYS A 163 -12.51 -1.05 -36.70
C LYS A 163 -12.71 -1.18 -35.18
N CYS A 164 -12.84 -0.05 -34.50
CA CYS A 164 -12.78 -0.02 -33.03
C CYS A 164 -13.97 0.76 -32.45
N HIS A 165 -14.30 0.45 -31.21
CA HIS A 165 -15.40 1.12 -30.52
C HIS A 165 -14.81 1.95 -29.41
N VAL A 166 -15.04 3.26 -29.44
CA VAL A 166 -14.54 4.14 -28.38
C VAL A 166 -15.33 3.95 -27.08
N ASN A 167 -14.60 3.78 -25.96
CA ASN A 167 -15.25 3.47 -24.68
C ASN A 167 -15.56 4.68 -23.84
N ASN A 168 -14.79 5.75 -24.00
CA ASN A 168 -14.97 6.91 -23.12
C ASN A 168 -14.63 8.23 -23.80
N HIS A 169 -15.13 9.32 -23.23
CA HIS A 169 -14.87 10.67 -23.75
C HIS A 169 -13.40 10.96 -23.66
N HIS A 170 -12.81 11.46 -24.74
CA HIS A 170 -11.42 11.91 -24.71
C HIS A 170 -11.10 12.78 -25.90
N ARG A 171 -10.14 13.68 -25.71
CA ARG A 171 -9.63 14.54 -26.78
C ARG A 171 -8.20 14.13 -27.07
N LEU A 172 -7.94 13.68 -28.30
CA LEU A 172 -6.58 13.31 -28.67
C LEU A 172 -5.89 14.51 -29.32
N THR A 173 -4.63 14.73 -28.96
CA THR A 173 -3.74 15.61 -29.74
C THR A 173 -2.70 14.75 -30.50
N ASP A 174 -1.77 15.42 -31.18
CA ASP A 174 -0.82 14.72 -32.06
C ASP A 174 0.05 13.70 -31.30
N ARG A 175 0.26 12.53 -31.91
CA ARG A 175 1.27 11.55 -31.44
C ARG A 175 1.15 11.21 -29.95
N ARG A 176 -0.02 10.72 -29.55
CA ARG A 176 -0.22 10.21 -28.19
C ARG A 176 0.26 8.77 -28.07
N GLY A 177 0.73 8.40 -26.88
CA GLY A 177 1.18 7.02 -26.60
C GLY A 177 0.08 5.98 -26.79
N ILE A 178 0.50 4.79 -27.24
CA ILE A 178 -0.40 3.63 -27.42
C ILE A 178 0.13 2.48 -26.55
N ASN A 179 -0.77 1.77 -25.87
CA ASN A 179 -0.43 0.51 -25.22
C ASN A 179 -1.33 -0.58 -25.72
N LEU A 180 -0.78 -1.76 -25.90
CA LEU A 180 -1.54 -2.89 -26.40
C LEU A 180 -1.59 -3.92 -25.28
N PRO A 181 -2.55 -3.78 -24.35
CA PRO A 181 -2.46 -4.50 -23.07
C PRO A 181 -2.60 -6.00 -23.31
N GLY A 182 -1.63 -6.75 -22.81
CA GLY A 182 -1.70 -8.21 -22.94
C GLY A 182 -1.20 -8.73 -24.28
N CYS A 183 -0.74 -7.84 -25.17
CA CYS A 183 -0.37 -8.23 -26.55
C CYS A 183 1.14 -8.39 -26.70
N GLU A 184 1.55 -9.37 -27.49
CA GLU A 184 2.97 -9.54 -27.79
C GLU A 184 3.41 -8.46 -28.78
N VAL A 185 4.24 -7.53 -28.30
CA VAL A 185 4.73 -6.45 -29.13
C VAL A 185 6.21 -6.72 -29.44
N ASP A 186 6.58 -6.53 -30.70
CA ASP A 186 7.95 -6.80 -31.14
C ASP A 186 8.64 -5.51 -31.63
N LEU A 187 9.36 -4.88 -30.72
CA LEU A 187 10.10 -3.64 -31.00
C LEU A 187 11.52 -3.85 -30.49
N PRO A 188 12.50 -3.20 -31.14
CA PRO A 188 13.91 -3.35 -30.73
C PRO A 188 14.08 -2.96 -29.26
N ALA A 189 15.05 -3.57 -28.58
CA ALA A 189 15.35 -3.21 -27.19
C ALA A 189 15.99 -1.83 -27.15
N VAL A 190 16.78 -1.53 -28.16
CA VAL A 190 17.51 -0.27 -28.17
C VAL A 190 17.15 0.52 -29.44
N SER A 191 16.48 1.66 -29.26
CA SER A 191 16.24 2.56 -30.38
C SER A 191 17.53 3.29 -30.80
N GLU A 192 17.51 3.98 -31.93
CA GLU A 192 18.66 4.81 -32.33
C GLU A 192 18.89 5.93 -31.32
N LYS A 193 17.82 6.49 -30.78
CA LYS A 193 17.96 7.41 -29.68
C LYS A 193 18.65 6.77 -28.48
N ASP A 194 18.16 5.59 -28.08
CA ASP A 194 18.72 4.88 -26.92
C ASP A 194 20.22 4.60 -27.07
N ARG A 195 20.64 4.28 -28.30
CA ARG A 195 22.06 4.07 -28.58
C ARG A 195 22.92 5.26 -28.29
N LYS A 196 22.53 6.41 -28.82
CA LYS A 196 23.28 7.62 -28.52
C LYS A 196 23.27 7.90 -27.02
N ASP A 197 22.13 7.67 -26.37
CA ASP A 197 22.04 7.89 -24.93
C ASP A 197 22.97 6.95 -24.13
N LEU A 198 23.04 5.69 -24.54
CA LEU A 198 23.93 4.72 -23.87
C LEU A 198 25.40 5.01 -24.13
N GLU A 199 25.70 5.43 -25.37
CA GLU A 199 27.03 5.90 -25.69
C GLU A 199 27.44 7.07 -24.78
N PHE A 200 26.54 8.02 -24.58
CA PHE A 200 26.78 9.13 -23.64
C PHE A 200 26.99 8.60 -22.21
N GLY A 201 26.13 7.70 -21.78
CA GLY A 201 26.28 7.13 -20.42
C GLY A 201 27.62 6.43 -20.22
N VAL A 202 28.05 5.66 -21.22
CA VAL A 202 29.34 4.96 -21.11
C VAL A 202 30.49 5.98 -21.08
N ALA A 203 30.45 6.98 -21.96
CA ALA A 203 31.50 7.99 -22.02
C ALA A 203 31.59 8.79 -20.71
N GLN A 204 30.43 9.06 -20.09
CA GLN A 204 30.42 9.88 -18.87
C GLN A 204 30.56 9.06 -17.59
N GLY A 205 30.62 7.74 -17.74
CA GLY A 205 30.90 6.87 -16.61
C GLY A 205 29.70 6.68 -15.66
N VAL A 206 28.51 6.45 -16.20
CA VAL A 206 27.35 6.16 -15.32
C VAL A 206 27.50 4.77 -14.71
N ASP A 207 26.87 4.56 -13.56
CA ASP A 207 27.04 3.31 -12.82
C ASP A 207 26.05 2.22 -13.23
N MET A 208 24.87 2.62 -13.70
CA MET A 208 23.85 1.65 -14.06
C MET A 208 22.90 2.22 -15.08
N ILE A 209 22.30 1.33 -15.86
CA ILE A 209 21.23 1.69 -16.78
C ILE A 209 19.93 1.09 -16.24
N PHE A 210 18.88 1.89 -16.17
CA PHE A 210 17.54 1.37 -15.98
C PHE A 210 16.92 1.24 -17.37
N ALA A 211 16.86 0.00 -17.88
CA ALA A 211 16.53 -0.23 -19.29
C ALA A 211 15.03 -0.42 -19.42
N SER A 212 14.41 0.46 -20.20
CA SER A 212 12.95 0.51 -20.30
C SER A 212 12.36 -0.63 -21.10
N PHE A 213 11.18 -1.06 -20.67
CA PHE A 213 10.34 -2.01 -21.43
C PHE A 213 11.07 -3.28 -21.84
N ILE A 214 11.76 -3.91 -20.90
CA ILE A 214 12.42 -5.17 -21.19
C ILE A 214 11.38 -6.31 -21.27
N ARG A 215 11.31 -6.97 -22.43
CA ARG A 215 10.29 -7.97 -22.63
CA ARG A 215 10.28 -7.98 -22.76
C ARG A 215 10.84 -9.38 -22.58
N THR A 216 12.15 -9.53 -22.86
CA THR A 216 12.79 -10.86 -22.94
C THR A 216 14.22 -10.76 -22.44
N ALA A 217 14.82 -11.92 -22.16
CA ALA A 217 16.24 -12.00 -21.86
C ALA A 217 17.09 -11.55 -23.06
N GLU A 218 16.64 -11.85 -24.28
CA GLU A 218 17.41 -11.45 -25.46
C GLU A 218 17.54 -9.92 -25.54
N GLN A 219 16.48 -9.22 -25.18
CA GLN A 219 16.56 -7.76 -25.10
C GLN A 219 17.61 -7.26 -24.10
N VAL A 220 17.68 -7.89 -22.93
CA VAL A 220 18.75 -7.53 -21.97
C VAL A 220 20.14 -7.68 -22.61
N ARG A 221 20.36 -8.81 -23.27
CA ARG A 221 21.60 -9.07 -24.01
C ARG A 221 21.90 -8.05 -25.10
N GLU A 222 20.85 -7.55 -25.75
CA GLU A 222 21.02 -6.47 -26.73
C GLU A 222 21.42 -5.16 -26.11
N VAL A 223 20.85 -4.83 -24.94
CA VAL A 223 21.33 -3.68 -24.20
C VAL A 223 22.79 -3.85 -23.79
N ARG A 224 23.12 -5.03 -23.29
CA ARG A 224 24.47 -5.34 -22.84
C ARG A 224 25.44 -5.18 -24.02
N ALA A 225 25.01 -5.61 -25.20
CA ALA A 225 25.89 -5.54 -26.39
C ALA A 225 26.08 -4.10 -26.88
N ALA A 226 25.03 -3.28 -26.79
CA ALA A 226 25.13 -1.85 -27.09
C ALA A 226 26.08 -1.10 -26.13
N LEU A 227 26.11 -1.49 -24.85
CA LEU A 227 27.04 -0.89 -23.89
C LEU A 227 28.49 -1.25 -24.27
N GLY A 228 28.66 -2.44 -24.83
CA GLY A 228 29.91 -2.76 -25.52
C GLY A 228 31.02 -3.04 -24.53
N GLU A 229 32.24 -3.14 -25.02
CA GLU A 229 33.35 -3.49 -24.17
C GLU A 229 33.59 -2.47 -23.07
N LYS A 230 33.51 -1.17 -23.41
CA LYS A 230 33.81 -0.13 -22.42
C LYS A 230 32.73 0.02 -21.31
N GLY A 231 31.51 -0.41 -21.61
CA GLY A 231 30.41 -0.39 -20.59
C GLY A 231 30.13 -1.75 -19.97
N LYS A 232 31.08 -2.66 -20.07
CA LYS A 232 30.83 -4.04 -19.59
C LYS A 232 30.64 -4.16 -18.04
N ASP A 233 31.09 -3.16 -17.28
CA ASP A 233 30.94 -3.19 -15.83
C ASP A 233 29.74 -2.38 -15.32
N ILE A 234 28.98 -1.80 -16.24
CA ILE A 234 27.82 -0.98 -15.86
C ILE A 234 26.65 -1.92 -15.59
N LEU A 235 25.94 -1.73 -14.48
CA LEU A 235 24.83 -2.66 -14.17
C LEU A 235 23.68 -2.42 -15.15
N ILE A 236 23.01 -3.50 -15.56
CA ILE A 236 21.73 -3.36 -16.25
C ILE A 236 20.57 -3.72 -15.31
N ILE A 237 19.75 -2.73 -14.98
CA ILE A 237 18.57 -2.95 -14.17
C ILE A 237 17.38 -2.97 -15.14
N SER A 238 16.78 -4.15 -15.33
CA SER A 238 15.73 -4.26 -16.34
C SER A 238 14.42 -3.77 -15.77
N LYS A 239 13.73 -2.88 -16.50
CA LYS A 239 12.44 -2.38 -16.03
C LYS A 239 11.33 -3.25 -16.58
N ILE A 240 10.56 -3.82 -15.69
CA ILE A 240 9.43 -4.65 -16.07
C ILE A 240 8.18 -3.77 -16.19
N GLU A 241 7.65 -3.64 -17.41
CA GLU A 241 6.64 -2.63 -17.67
C GLU A 241 5.41 -3.16 -18.37
N ASN A 242 5.39 -4.47 -18.69
CA ASN A 242 4.25 -5.05 -19.42
C ASN A 242 4.17 -6.56 -19.19
N HIS A 243 3.17 -7.21 -19.76
CA HIS A 243 2.90 -8.60 -19.39
C HIS A 243 4.03 -9.52 -19.84
N GLN A 244 4.70 -9.19 -20.96
CA GLN A 244 5.85 -10.00 -21.43
C GLN A 244 6.98 -10.00 -20.42
N GLY A 245 7.31 -8.83 -19.88
CA GLY A 245 8.31 -8.76 -18.82
C GLY A 245 7.94 -9.65 -17.64
N VAL A 246 6.68 -9.61 -17.23
CA VAL A 246 6.23 -10.42 -16.10
C VAL A 246 6.30 -11.92 -16.42
N GLN A 247 5.85 -12.29 -17.62
CA GLN A 247 5.78 -13.67 -18.04
C GLN A 247 7.20 -14.26 -18.18
N ASN A 248 8.13 -13.45 -18.67
CA ASN A 248 9.50 -13.90 -18.88
C ASN A 248 10.45 -13.54 -17.71
N ILE A 249 9.90 -13.25 -16.54
CA ILE A 249 10.69 -12.66 -15.46
C ILE A 249 11.92 -13.52 -15.06
N ASP A 250 11.78 -14.85 -15.02
CA ASP A 250 12.90 -15.70 -14.60
C ASP A 250 14.14 -15.50 -15.49
N SER A 251 13.94 -15.59 -16.80
CA SER A 251 15.06 -15.45 -17.72
C SER A 251 15.57 -14.00 -17.77
N ILE A 252 14.67 -13.04 -17.59
CA ILE A 252 15.11 -11.65 -17.50
C ILE A 252 15.99 -11.40 -16.24
N ILE A 253 15.58 -11.95 -15.11
CA ILE A 253 16.35 -11.78 -13.88
C ILE A 253 17.72 -12.41 -14.09
N GLU A 254 17.72 -13.59 -14.71
CA GLU A 254 18.97 -14.29 -15.00
C GLU A 254 19.94 -13.42 -15.83
N ALA A 255 19.44 -12.76 -16.87
CA ALA A 255 20.30 -11.96 -17.75
C ALA A 255 20.72 -10.61 -17.15
N SER A 256 19.99 -10.14 -16.14
CA SER A 256 20.10 -8.75 -15.67
C SER A 256 20.97 -8.70 -14.43
N ASN A 257 21.37 -7.49 -14.04
CA ASN A 257 22.03 -7.30 -12.75
C ASN A 257 20.99 -7.01 -11.66
N GLY A 258 19.80 -6.62 -12.07
CA GLY A 258 18.76 -6.19 -11.11
C GLY A 258 17.48 -5.85 -11.86
N ILE A 259 16.42 -5.57 -11.12
CA ILE A 259 15.08 -5.40 -11.72
C ILE A 259 14.45 -4.12 -11.15
N MET A 260 13.71 -3.38 -11.97
CA MET A 260 12.80 -2.38 -11.43
C MET A 260 11.37 -2.77 -11.73
N VAL A 261 10.52 -2.73 -10.72
CA VAL A 261 9.11 -2.89 -10.92
C VAL A 261 8.53 -1.54 -11.33
N ALA A 262 8.37 -1.34 -12.64
CA ALA A 262 8.09 -0.01 -13.16
C ALA A 262 6.58 0.20 -13.23
N ARG A 263 5.99 0.52 -12.08
CA ARG A 263 4.55 0.37 -11.87
C ARG A 263 3.68 1.29 -12.73
N GLY A 264 4.26 2.39 -13.22
CA GLY A 264 3.51 3.36 -14.02
C GLY A 264 3.05 2.72 -15.32
N ASP A 265 4.01 2.33 -16.15
CA ASP A 265 3.68 1.64 -17.39
C ASP A 265 3.00 0.29 -17.13
N LEU A 266 3.47 -0.43 -16.12
CA LEU A 266 2.93 -1.75 -15.85
C LEU A 266 1.42 -1.69 -15.62
N GLY A 267 0.99 -0.69 -14.83
CA GLY A 267 -0.42 -0.57 -14.42
C GLY A 267 -1.30 0.03 -15.52
N VAL A 268 -0.70 0.35 -16.66
CA VAL A 268 -1.42 0.65 -17.89
C VAL A 268 -1.50 -0.60 -18.77
N GLU A 269 -0.41 -1.38 -18.79
CA GLU A 269 -0.36 -2.59 -19.63
C GLU A 269 -1.19 -3.76 -19.05
N ILE A 270 -1.17 -3.93 -17.73
CA ILE A 270 -1.95 -4.98 -17.10
C ILE A 270 -2.96 -4.27 -16.19
N PRO A 271 -4.04 -4.97 -15.82
CA PRO A 271 -5.02 -4.32 -14.94
C PRO A 271 -4.35 -3.73 -13.67
N ALA A 272 -4.78 -2.54 -13.26
CA ALA A 272 -4.10 -1.84 -12.17
C ALA A 272 -4.06 -2.69 -10.89
N GLU A 273 -5.14 -3.44 -10.65
CA GLU A 273 -5.24 -4.29 -9.47
C GLU A 273 -4.29 -5.49 -9.51
N LYS A 274 -3.83 -5.90 -10.70
CA LYS A 274 -2.86 -6.99 -10.80
C LYS A 274 -1.42 -6.55 -10.58
N VAL A 275 -1.18 -5.25 -10.57
CA VAL A 275 0.18 -4.74 -10.28
C VAL A 275 0.69 -5.21 -8.89
N CYS A 276 -0.19 -5.27 -7.91
CA CYS A 276 0.19 -5.76 -6.57
CA CYS A 276 0.21 -5.75 -6.59
C CYS A 276 0.72 -7.18 -6.61
N VAL A 277 0.11 -8.01 -7.44
CA VAL A 277 0.47 -9.40 -7.55
C VAL A 277 1.82 -9.53 -8.30
N ALA A 278 1.96 -8.83 -9.42
CA ALA A 278 3.25 -8.76 -10.12
C ALA A 278 4.36 -8.29 -9.18
N GLN A 279 4.08 -7.24 -8.42
CA GLN A 279 5.09 -6.65 -7.56
C GLN A 279 5.59 -7.70 -6.54
N MET A 280 4.66 -8.33 -5.85
CA MET A 280 5.05 -9.30 -4.84
C MET A 280 5.87 -10.44 -5.44
N CYS A 281 5.39 -10.95 -6.57
CA CYS A 281 6.05 -12.05 -7.26
C CYS A 281 7.48 -11.69 -7.72
N ILE A 282 7.63 -10.52 -8.35
CA ILE A 282 8.91 -10.08 -8.88
C ILE A 282 9.90 -9.78 -7.75
N ILE A 283 9.45 -9.09 -6.71
CA ILE A 283 10.35 -8.81 -5.61
C ILE A 283 10.87 -10.10 -4.97
N SER A 284 9.96 -11.03 -4.70
CA SER A 284 10.35 -12.29 -4.07
C SER A 284 11.28 -13.10 -4.97
N LYS A 285 11.02 -13.12 -6.27
CA LYS A 285 11.92 -13.81 -7.18
C LYS A 285 13.31 -13.19 -7.17
N CYS A 286 13.40 -11.86 -7.14
CA CYS A 286 14.71 -11.20 -7.02
C CYS A 286 15.42 -11.51 -5.71
N ASN A 287 14.68 -11.51 -4.60
CA ASN A 287 15.22 -11.91 -3.31
C ASN A 287 15.82 -13.32 -3.37
N VAL A 288 15.08 -14.26 -3.97
CA VAL A 288 15.50 -15.66 -3.97
C VAL A 288 16.84 -15.87 -4.71
N VAL A 289 17.06 -15.12 -5.80
CA VAL A 289 18.33 -15.22 -6.50
C VAL A 289 19.37 -14.24 -5.99
N GLY A 290 18.97 -13.27 -5.17
CA GLY A 290 19.93 -12.30 -4.65
C GLY A 290 20.38 -11.19 -5.61
N LYS A 291 19.44 -10.67 -6.41
CA LYS A 291 19.70 -9.50 -7.25
C LYS A 291 18.83 -8.33 -6.81
N PRO A 292 19.38 -7.11 -6.90
CA PRO A 292 18.69 -5.95 -6.31
C PRO A 292 17.38 -5.63 -7.07
N VAL A 293 16.39 -5.19 -6.34
CA VAL A 293 15.10 -4.87 -6.94
C VAL A 293 14.56 -3.56 -6.37
N ILE A 294 14.11 -2.69 -7.29
CA ILE A 294 13.66 -1.36 -6.98
C ILE A 294 12.14 -1.31 -7.22
N CYS A 295 11.39 -0.80 -6.25
CA CYS A 295 9.96 -0.50 -6.47
C CYS A 295 9.80 0.98 -6.86
N ALA A 296 9.09 1.25 -7.97
CA ALA A 296 9.02 2.59 -8.56
C ALA A 296 7.56 3.10 -8.74
N THR A 297 7.43 4.42 -8.71
CA THR A 297 6.34 5.16 -9.38
C THR A 297 5.14 5.42 -8.48
N GLN A 298 4.91 6.70 -8.23
CA GLN A 298 3.78 7.18 -7.41
C GLN A 298 3.78 6.72 -5.97
N MET A 299 4.96 6.44 -5.43
CA MET A 299 5.03 5.98 -4.07
C MET A 299 4.59 7.05 -3.07
N LEU A 300 5.01 8.31 -3.31
CA LEU A 300 4.66 9.41 -2.43
C LEU A 300 4.15 10.59 -3.27
N GLU A 301 3.34 10.27 -4.27
CA GLU A 301 2.98 11.19 -5.34
CA GLU A 301 3.02 11.21 -5.34
C GLU A 301 2.43 12.53 -4.83
N SER A 302 1.52 12.47 -3.87
CA SER A 302 0.82 13.69 -3.45
C SER A 302 1.81 14.69 -2.84
N MET A 303 2.99 14.21 -2.42
CA MET A 303 4.02 15.14 -1.91
C MET A 303 4.73 15.94 -3.01
N THR A 304 4.34 15.72 -4.27
CA THR A 304 4.73 16.62 -5.33
C THR A 304 4.23 18.05 -5.00
N SER A 305 3.07 18.12 -4.31
CA SER A 305 2.37 19.39 -4.09
C SER A 305 2.15 19.66 -2.61
N ASN A 306 2.12 18.61 -1.81
CA ASN A 306 1.71 18.72 -0.40
C ASN A 306 2.83 18.33 0.52
N PRO A 307 2.89 18.96 1.68
CA PRO A 307 4.03 18.83 2.56
C PRO A 307 4.01 17.49 3.36
N ARG A 308 2.91 16.75 3.26
CA ARG A 308 2.80 15.44 3.93
C ARG A 308 2.17 14.46 2.95
N PRO A 309 2.43 13.16 3.14
CA PRO A 309 1.90 12.16 2.20
C PRO A 309 0.50 11.72 2.65
N THR A 310 -0.24 11.03 1.78
CA THR A 310 -1.54 10.48 2.19
C THR A 310 -1.28 9.17 2.95
N ARG A 311 -2.33 8.63 3.57
CA ARG A 311 -2.16 7.41 4.35
C ARG A 311 -1.82 6.22 3.43
N ALA A 312 -2.36 6.22 2.23
CA ALA A 312 -2.09 5.12 1.25
C ALA A 312 -0.64 5.15 0.83
N GLU A 313 -0.09 6.36 0.71
CA GLU A 313 1.30 6.50 0.29
C GLU A 313 2.27 5.97 1.34
N VAL A 314 2.02 6.30 2.59
CA VAL A 314 2.85 5.76 3.64
C VAL A 314 2.83 4.25 3.61
N SER A 315 1.65 3.67 3.46
CA SER A 315 1.55 2.23 3.50
C SER A 315 2.22 1.56 2.26
N ASP A 316 2.12 2.22 1.11
CA ASP A 316 2.79 1.73 -0.10
C ASP A 316 4.30 1.60 0.12
N VAL A 317 4.92 2.65 0.64
CA VAL A 317 6.37 2.58 0.91
C VAL A 317 6.70 1.46 1.92
N ALA A 318 5.95 1.40 3.02
CA ALA A 318 6.23 0.42 4.08
C ALA A 318 6.07 -0.98 3.50
N ASN A 319 5.02 -1.17 2.71
CA ASN A 319 4.78 -2.50 2.14
C ASN A 319 5.76 -2.95 1.07
N ALA A 320 6.30 -2.00 0.30
CA ALA A 320 7.40 -2.32 -0.64
C ALA A 320 8.63 -2.82 0.12
N VAL A 321 8.91 -2.19 1.25
CA VAL A 321 10.02 -2.66 2.10
C VAL A 321 9.73 -4.05 2.73
N LEU A 322 8.52 -4.21 3.27
CA LEU A 322 8.12 -5.52 3.83
C LEU A 322 8.05 -6.60 2.76
N ASN A 323 7.65 -6.23 1.54
CA ASN A 323 7.67 -7.19 0.41
C ASN A 323 9.09 -7.75 0.18
N GLY A 324 10.12 -6.91 0.43
CA GLY A 324 11.51 -7.35 0.24
C GLY A 324 12.33 -6.50 -0.72
N ALA A 325 11.78 -5.36 -1.13
CA ALA A 325 12.47 -4.51 -2.11
C ALA A 325 13.77 -3.97 -1.48
N ASP A 326 14.87 -3.95 -2.24
CA ASP A 326 16.08 -3.26 -1.75
C ASP A 326 15.86 -1.75 -1.71
N CYS A 327 15.26 -1.22 -2.77
CA CYS A 327 15.16 0.21 -3.00
C CYS A 327 13.73 0.60 -3.24
N VAL A 328 13.45 1.87 -2.94
CA VAL A 328 12.26 2.52 -3.37
C VAL A 328 12.65 3.79 -4.11
N MET A 329 11.77 4.25 -4.98
CA MET A 329 12.18 5.26 -5.92
C MET A 329 11.21 6.43 -5.92
N LEU A 330 11.75 7.61 -6.19
CA LEU A 330 10.95 8.82 -6.35
C LEU A 330 11.16 9.39 -7.77
N SER A 331 10.06 9.86 -8.37
CA SER A 331 10.12 10.39 -9.72
C SER A 331 9.81 11.87 -9.72
N GLY A 332 8.58 12.23 -10.08
CA GLY A 332 8.17 13.66 -10.08
C GLY A 332 8.27 14.30 -8.69
N GLU A 333 8.09 13.50 -7.64
CA GLU A 333 8.24 14.01 -6.24
C GLU A 333 9.55 14.79 -6.04
N THR A 334 10.65 14.27 -6.57
CA THR A 334 11.94 14.97 -6.46
C THR A 334 12.33 15.77 -7.71
N ALA A 335 11.91 15.29 -8.88
CA ALA A 335 12.30 15.95 -10.12
C ALA A 335 11.63 17.33 -10.21
N LYS A 336 10.34 17.38 -9.92
CA LYS A 336 9.61 18.64 -10.12
C LYS A 336 8.72 19.08 -8.97
N GLY A 337 8.81 18.40 -7.84
CA GLY A 337 7.97 18.73 -6.74
C GLY A 337 8.41 19.95 -5.94
N LYS A 338 7.54 20.36 -5.04
CA LYS A 338 7.74 21.52 -4.20
C LYS A 338 8.51 21.17 -2.92
N TYR A 339 8.53 19.89 -2.55
CA TYR A 339 9.09 19.48 -1.26
C TYR A 339 10.08 18.32 -1.41
N PRO A 340 11.13 18.50 -2.23
CA PRO A 340 12.01 17.38 -2.57
C PRO A 340 12.78 16.83 -1.36
N ASN A 341 13.24 17.70 -0.46
CA ASN A 341 13.92 17.21 0.77
C ASN A 341 12.97 16.51 1.73
N GLU A 342 11.78 17.08 1.92
CA GLU A 342 10.84 16.54 2.90
C GLU A 342 10.33 15.15 2.42
N VAL A 343 10.10 15.00 1.12
CA VAL A 343 9.61 13.73 0.59
C VAL A 343 10.66 12.61 0.79
N VAL A 344 11.93 12.94 0.58
CA VAL A 344 13.01 11.96 0.81
C VAL A 344 13.12 11.63 2.31
N GLN A 345 13.02 12.65 3.15
CA GLN A 345 13.04 12.43 4.59
C GLN A 345 11.89 11.56 5.09
N TYR A 346 10.67 11.78 4.58
CA TYR A 346 9.54 10.89 4.91
C TYR A 346 9.82 9.48 4.44
N MET A 347 10.29 9.36 3.19
CA MET A 347 10.54 8.04 2.62
C MET A 347 11.54 7.25 3.48
N ALA A 348 12.60 7.93 3.91
CA ALA A 348 13.57 7.33 4.85
C ALA A 348 12.96 6.91 6.20
N ARG A 349 12.10 7.75 6.78
CA ARG A 349 11.50 7.41 8.08
C ARG A 349 10.53 6.23 7.95
N ILE A 350 9.80 6.19 6.84
CA ILE A 350 8.90 5.06 6.58
C ILE A 350 9.71 3.75 6.39
N CYS A 351 10.76 3.80 5.56
CA CYS A 351 11.64 2.64 5.39
C CYS A 351 12.11 2.11 6.73
N VAL A 352 12.59 3.01 7.58
CA VAL A 352 13.06 2.60 8.92
C VAL A 352 12.00 1.95 9.80
N GLU A 353 10.77 2.50 9.79
CA GLU A 353 9.68 1.88 10.54
C GLU A 353 9.39 0.46 10.01
N ALA A 354 9.28 0.33 8.69
CA ALA A 354 9.00 -0.98 8.06
C ALA A 354 10.11 -2.00 8.38
N GLN A 355 11.36 -1.58 8.22
CA GLN A 355 12.54 -2.36 8.65
C GLN A 355 12.45 -2.81 10.11
N SER A 356 12.06 -1.89 11.00
CA SER A 356 12.00 -2.21 12.43
C SER A 356 10.85 -3.18 12.75
N ALA A 357 9.83 -3.17 11.90
CA ALA A 357 8.69 -4.08 12.05
C ALA A 357 8.90 -5.46 11.39
N THR A 358 10.03 -5.65 10.72
CA THR A 358 10.29 -6.87 9.98
C THR A 358 10.77 -7.97 10.96
N HIS A 359 10.22 -9.17 10.83
CA HIS A 359 10.72 -10.25 11.68
C HIS A 359 12.18 -10.57 11.35
N ASP A 360 13.05 -10.50 12.36
CA ASP A 360 14.52 -10.67 12.16
C ASP A 360 14.87 -11.72 11.09
N THR A 361 14.41 -12.95 11.31
CA THR A 361 15.08 -14.13 10.75
C THR A 361 14.20 -14.84 9.74
N VAL A 362 12.96 -14.36 9.57
CA VAL A 362 12.04 -15.00 8.62
C VAL A 362 12.49 -14.95 7.18
N MET A 363 12.97 -13.79 6.71
CA MET A 363 13.49 -13.70 5.34
C MET A 363 14.71 -14.59 5.20
N PHE A 364 15.65 -14.48 6.15
CA PHE A 364 16.85 -15.31 6.09
C PHE A 364 16.50 -16.78 5.86
N ASN A 365 15.66 -17.30 6.73
CA ASN A 365 15.30 -18.74 6.66
C ASN A 365 14.55 -19.10 5.38
N SER A 366 13.61 -18.25 4.97
CA SER A 366 12.81 -18.53 3.75
CA SER A 366 12.82 -18.54 3.76
C SER A 366 13.70 -18.50 2.51
N ILE A 367 14.58 -17.52 2.42
CA ILE A 367 15.53 -17.45 1.30
C ILE A 367 16.50 -18.63 1.27
N LYS A 368 17.11 -18.94 2.40
CA LYS A 368 18.03 -20.07 2.49
C LYS A 368 17.37 -21.40 2.13
N ASN A 369 16.13 -21.59 2.56
CA ASN A 369 15.39 -22.84 2.31
C ASN A 369 15.04 -23.07 0.83
N LEU A 370 15.10 -22.02 0.02
CA LEU A 370 14.80 -22.20 -1.40
C LEU A 370 16.04 -22.35 -2.28
N GLN A 371 17.22 -22.33 -1.68
CA GLN A 371 18.45 -22.45 -2.48
C GLN A 371 18.73 -23.91 -2.83
N LYS A 372 19.27 -24.13 -4.01
CA LYS A 372 19.64 -25.49 -4.42
C LYS A 372 20.89 -25.96 -3.67
N ILE A 373 20.88 -27.20 -3.21
CA ILE A 373 22.03 -27.75 -2.47
C ILE A 373 22.67 -28.79 -3.38
N PRO A 374 24.01 -28.79 -3.53
CA PRO A 374 25.02 -28.01 -2.77
C PRO A 374 25.13 -26.56 -3.26
N MET A 375 25.35 -25.61 -2.35
CA MET A 375 25.70 -24.24 -2.72
C MET A 375 27.15 -24.24 -3.16
N CYS A 376 27.56 -23.19 -3.87
CA CYS A 376 28.97 -22.88 -4.05
CA CYS A 376 28.98 -22.93 -4.04
C CYS A 376 29.55 -22.47 -2.69
N PRO A 377 30.87 -22.65 -2.51
CA PRO A 377 31.48 -22.36 -1.21
C PRO A 377 31.27 -20.92 -0.77
N GLU A 378 31.37 -19.95 -1.68
CA GLU A 378 31.21 -18.56 -1.25
C GLU A 378 29.79 -18.27 -0.74
N GLU A 379 28.81 -18.96 -1.30
CA GLU A 379 27.45 -18.74 -0.84
C GLU A 379 27.14 -19.41 0.50
N ALA A 380 27.62 -20.64 0.69
CA ALA A 380 27.65 -21.24 2.04
C ALA A 380 28.35 -20.35 3.06
N VAL A 381 29.49 -19.77 2.68
CA VAL A 381 30.21 -18.86 3.61
C VAL A 381 29.36 -17.62 3.94
N CYS A 382 28.81 -16.97 2.91
CA CYS A 382 28.03 -15.78 3.15
C CYS A 382 26.75 -16.05 3.94
N SER A 383 26.06 -17.12 3.60
CA SER A 383 24.83 -17.44 4.31
C SER A 383 25.08 -17.87 5.76
N SER A 384 26.18 -18.58 6.02
CA SER A 384 26.50 -18.96 7.39
CA SER A 384 26.50 -18.95 7.39
C SER A 384 27.07 -17.78 8.19
N ALA A 385 27.72 -16.84 7.49
CA ALA A 385 28.16 -15.58 8.15
C ALA A 385 26.95 -14.82 8.67
N VAL A 386 25.90 -14.70 7.86
CA VAL A 386 24.67 -14.03 8.30
C VAL A 386 24.03 -14.77 9.47
N ALA A 387 23.97 -16.09 9.38
CA ALA A 387 23.48 -16.89 10.50
C ALA A 387 24.24 -16.58 11.79
N SER A 388 25.57 -16.56 11.71
CA SER A 388 26.37 -16.29 12.91
CA SER A 388 26.41 -16.26 12.88
C SER A 388 26.12 -14.88 13.46
N ALA A 389 25.84 -13.91 12.58
CA ALA A 389 25.48 -12.54 13.01
C ALA A 389 24.19 -12.54 13.84
N PHE A 390 23.20 -13.28 13.39
CA PHE A 390 21.99 -13.43 14.20
C PHE A 390 22.33 -14.10 15.52
N GLU A 391 23.10 -15.21 15.50
CA GLU A 391 23.33 -15.98 16.76
C GLU A 391 24.02 -15.13 17.82
N VAL A 392 24.95 -14.28 17.40
CA VAL A 392 25.68 -13.44 18.38
C VAL A 392 25.16 -12.04 18.52
N GLN A 393 24.11 -11.72 17.79
CA GLN A 393 23.58 -10.36 17.74
C GLN A 393 24.66 -9.37 17.33
N ALA A 394 25.41 -9.73 16.28
CA ALA A 394 26.45 -8.84 15.77
C ALA A 394 25.84 -7.48 15.44
N LYS A 395 26.59 -6.39 15.68
CA LYS A 395 26.10 -5.06 15.30
C LYS A 395 26.48 -4.64 13.88
N ALA A 396 27.43 -5.36 13.30
CA ALA A 396 27.77 -5.14 11.90
C ALA A 396 28.40 -6.37 11.29
N MET A 397 28.41 -6.41 9.97
CA MET A 397 29.23 -7.35 9.26
C MET A 397 30.18 -6.55 8.40
N LEU A 398 31.28 -7.16 8.03
CA LEU A 398 32.31 -6.51 7.22
C LEU A 398 32.70 -7.50 6.14
N VAL A 399 32.70 -7.07 4.88
CA VAL A 399 33.06 -7.95 3.76
C VAL A 399 34.03 -7.21 2.82
N LEU A 400 35.07 -7.89 2.38
CA LEU A 400 35.95 -7.36 1.30
C LEU A 400 35.39 -7.76 -0.06
N SER A 401 35.04 -6.77 -0.89
CA SER A 401 34.50 -7.09 -2.20
C SER A 401 35.01 -6.09 -3.19
N ASN A 402 35.59 -6.58 -4.28
CA ASN A 402 36.12 -5.71 -5.32
C ASN A 402 35.12 -5.47 -6.44
N THR A 403 34.34 -6.49 -6.76
CA THR A 403 33.34 -6.37 -7.85
C THR A 403 31.97 -5.98 -7.28
N GLY A 404 31.80 -6.16 -5.98
CA GLY A 404 30.46 -6.03 -5.37
C GLY A 404 29.81 -7.37 -5.09
N ARG A 405 30.27 -8.43 -5.74
CA ARG A 405 29.56 -9.70 -5.74
C ARG A 405 29.36 -10.27 -4.30
N SER A 406 30.43 -10.30 -3.51
CA SER A 406 30.34 -10.83 -2.14
C SER A 406 29.45 -9.99 -1.27
N ALA A 407 29.44 -8.68 -1.49
CA ALA A 407 28.54 -7.84 -0.68
C ALA A 407 27.08 -8.13 -1.00
N ARG A 408 26.75 -8.23 -2.28
CA ARG A 408 25.39 -8.61 -2.68
C ARG A 408 24.99 -10.00 -2.15
N LEU A 409 25.95 -10.91 -2.09
CA LEU A 409 25.69 -12.26 -1.61
C LEU A 409 25.35 -12.29 -0.11
N ILE A 410 26.03 -11.47 0.67
CA ILE A 410 25.65 -11.29 2.08
C ILE A 410 24.30 -10.58 2.25
N SER A 411 24.09 -9.51 1.48
CA SER A 411 22.79 -8.81 1.51
C SER A 411 21.63 -9.73 1.11
N LYS A 412 21.90 -10.69 0.22
CA LYS A 412 20.87 -11.62 -0.22
C LYS A 412 20.22 -12.30 1.01
N TYR A 413 21.01 -12.55 2.05
CA TYR A 413 20.50 -13.29 3.23
C TYR A 413 19.94 -12.37 4.31
N ARG A 414 19.85 -11.08 3.99
CA ARG A 414 19.01 -10.16 4.77
C ARG A 414 19.40 -10.12 6.28
N PRO A 415 20.67 -9.85 6.58
CA PRO A 415 20.99 -9.59 7.98
C PRO A 415 20.19 -8.39 8.53
N ASN A 416 20.14 -8.24 9.86
CA ASN A 416 19.41 -7.10 10.43
C ASN A 416 20.36 -5.94 10.78
N CYS A 417 21.64 -6.06 10.42
CA CYS A 417 22.65 -5.04 10.78
C CYS A 417 23.26 -4.48 9.50
N PRO A 418 24.10 -3.42 9.61
CA PRO A 418 24.79 -2.90 8.43
C PRO A 418 25.82 -3.89 7.87
N ILE A 419 25.98 -3.89 6.57
CA ILE A 419 27.05 -4.64 5.92
C ILE A 419 28.09 -3.64 5.41
N ILE A 420 29.19 -3.51 6.13
CA ILE A 420 30.28 -2.66 5.68
C ILE A 420 31.09 -3.38 4.62
N CYS A 421 31.19 -2.78 3.42
CA CYS A 421 31.95 -3.38 2.36
C CYS A 421 33.18 -2.51 2.09
N VAL A 422 34.36 -3.09 2.29
CA VAL A 422 35.61 -2.44 1.87
C VAL A 422 35.97 -2.88 0.47
N THR A 423 36.01 -1.91 -0.44
CA THR A 423 36.21 -2.21 -1.83
C THR A 423 37.42 -1.46 -2.38
N THR A 424 38.00 -1.98 -3.44
CA THR A 424 39.12 -1.31 -4.10
C THR A 424 38.68 -0.54 -5.35
N ARG A 425 37.37 -0.48 -5.61
CA ARG A 425 36.85 0.25 -6.76
C ARG A 425 35.79 1.27 -6.38
N LEU A 426 36.00 2.53 -6.77
CA LEU A 426 35.00 3.56 -6.54
C LEU A 426 33.66 3.25 -7.22
N GLN A 427 33.72 2.67 -8.41
CA GLN A 427 32.46 2.34 -9.05
C GLN A 427 31.69 1.28 -8.26
N THR A 428 32.41 0.38 -7.58
CA THR A 428 31.73 -0.59 -6.73
C THR A 428 31.02 0.05 -5.56
N CYS A 429 31.64 1.06 -4.94
CA CYS A 429 30.95 1.88 -3.91
C CYS A 429 29.65 2.44 -4.43
N ARG A 430 29.69 2.96 -5.67
CA ARG A 430 28.51 3.62 -6.21
C ARG A 430 27.44 2.59 -6.56
N GLN A 431 27.87 1.46 -7.09
CA GLN A 431 26.92 0.44 -7.54
C GLN A 431 26.23 -0.27 -6.36
N LEU A 432 26.91 -0.34 -5.23
CA LEU A 432 26.37 -1.06 -4.09
C LEU A 432 25.26 -0.26 -3.41
N ASN A 433 25.04 0.97 -3.88
CA ASN A 433 23.93 1.81 -3.40
C ASN A 433 22.55 1.26 -3.71
N VAL A 434 22.42 0.32 -4.66
CA VAL A 434 21.12 -0.34 -4.84
C VAL A 434 20.91 -1.61 -4.02
N THR A 435 21.83 -1.90 -3.09
CA THR A 435 21.77 -3.16 -2.40
C THR A 435 21.52 -2.97 -0.92
N ARG A 436 20.47 -3.62 -0.41
CA ARG A 436 20.02 -3.38 0.96
C ARG A 436 21.18 -3.54 1.96
N SER A 437 21.26 -2.60 2.93
CA SER A 437 22.17 -2.73 4.14
C SER A 437 23.63 -2.31 3.93
N VAL A 438 24.08 -2.27 2.69
CA VAL A 438 25.51 -2.13 2.41
C VAL A 438 25.94 -0.69 2.54
N VAL A 439 27.04 -0.47 3.25
CA VAL A 439 27.68 0.83 3.35
C VAL A 439 29.14 0.65 2.92
N SER A 440 29.58 1.41 1.92
CA SER A 440 30.89 1.15 1.29
C SER A 440 31.99 2.09 1.76
N VAL A 441 33.20 1.54 1.85
CA VAL A 441 34.39 2.33 2.14
C VAL A 441 35.43 1.99 1.10
N PHE A 442 36.07 3.01 0.55
CA PHE A 442 37.04 2.80 -0.52
C PHE A 442 38.44 2.57 0.06
N TYR A 443 39.08 1.48 -0.37
CA TYR A 443 40.50 1.25 -0.09
C TYR A 443 41.31 1.54 -1.33
N ASP A 444 42.21 2.53 -1.23
CA ASP A 444 43.03 2.94 -2.37
C ASP A 444 44.33 2.13 -2.46
N ALA A 445 44.32 1.07 -3.26
CA ALA A 445 45.42 0.10 -3.26
C ALA A 445 46.66 0.68 -3.94
N ALA A 446 46.45 1.59 -4.90
CA ALA A 446 47.56 2.32 -5.51
C ALA A 446 48.29 3.20 -4.48
N LYS A 447 47.54 3.71 -3.51
CA LYS A 447 48.13 4.56 -2.48
C LYS A 447 48.69 3.78 -1.29
N SER A 448 48.02 2.71 -0.88
CA SER A 448 48.34 2.08 0.42
C SER A 448 48.98 0.71 0.31
N GLY A 449 49.00 0.14 -0.91
CA GLY A 449 49.56 -1.20 -1.10
C GLY A 449 48.54 -2.30 -1.38
N GLU A 450 49.04 -3.45 -1.84
CA GLU A 450 48.17 -4.48 -2.43
C GLU A 450 47.34 -5.25 -1.38
N ASP A 451 47.84 -5.29 -0.15
CA ASP A 451 47.08 -5.85 0.98
C ASP A 451 46.66 -7.32 0.77
N LYS A 452 47.62 -8.16 0.38
CA LYS A 452 47.36 -9.59 0.13
C LYS A 452 46.82 -10.31 1.35
N ASP A 453 47.29 -9.93 2.53
CA ASP A 453 46.83 -10.56 3.77
C ASP A 453 45.59 -9.92 4.39
N LYS A 454 44.96 -8.99 3.66
CA LYS A 454 43.65 -8.40 4.03
C LYS A 454 43.68 -7.45 5.23
N GLU A 455 44.79 -7.41 5.94
CA GLU A 455 44.83 -6.70 7.24
C GLU A 455 44.55 -5.17 7.14
N LYS A 456 45.07 -4.52 6.11
CA LYS A 456 44.85 -3.08 5.95
C LYS A 456 43.37 -2.81 5.66
N ARG A 457 42.79 -3.61 4.79
CA ARG A 457 41.39 -3.44 4.49
C ARG A 457 40.48 -3.73 5.66
N VAL A 458 40.81 -4.76 6.43
CA VAL A 458 40.00 -5.08 7.60
C VAL A 458 40.08 -3.97 8.62
N LYS A 459 41.28 -3.48 8.86
CA LYS A 459 41.46 -2.33 9.74
C LYS A 459 40.64 -1.11 9.29
N LEU A 460 40.67 -0.81 7.99
CA LEU A 460 39.92 0.33 7.47
C LEU A 460 38.43 0.14 7.77
N GLY A 461 37.93 -1.07 7.50
CA GLY A 461 36.53 -1.41 7.74
C GLY A 461 36.13 -1.31 9.21
N LEU A 462 36.97 -1.83 10.09
CA LEU A 462 36.67 -1.79 11.53
C LEU A 462 36.77 -0.36 12.10
N ASP A 463 37.71 0.42 11.59
CA ASP A 463 37.81 1.84 11.97
C ASP A 463 36.60 2.60 11.49
N PHE A 464 36.15 2.28 10.29
CA PHE A 464 34.95 2.90 9.75
C PHE A 464 33.72 2.56 10.60
N ALA A 465 33.56 1.29 10.98
CA ALA A 465 32.45 0.91 11.85
C ALA A 465 32.41 1.73 13.13
N LYS A 466 33.57 1.94 13.74
CA LYS A 466 33.66 2.70 15.02
C LYS A 466 33.32 4.17 14.77
N LYS A 467 33.94 4.75 13.75
CA LYS A 467 33.77 6.15 13.43
C LYS A 467 32.32 6.49 13.07
N GLU A 468 31.68 5.61 12.32
CA GLU A 468 30.33 5.89 11.87
C GLU A 468 29.32 5.43 12.89
N LYS A 469 29.80 4.92 14.02
CA LYS A 469 28.95 4.49 15.13
C LYS A 469 28.00 3.34 14.79
N TYR A 470 28.47 2.42 13.96
CA TYR A 470 27.79 1.13 13.79
C TYR A 470 28.08 0.18 14.95
N ALA A 471 29.26 0.30 15.53
CA ALA A 471 29.67 -0.58 16.58
C ALA A 471 30.78 0.10 17.38
N SER A 472 30.95 -0.30 18.63
CA SER A 472 32.08 0.18 19.39
C SER A 472 32.92 -0.90 20.01
N THR A 473 33.99 -0.48 20.67
CA THR A 473 34.90 -1.37 21.33
C THR A 473 34.14 -2.42 22.09
N GLY A 474 34.54 -3.68 21.91
CA GLY A 474 33.90 -4.79 22.62
C GLY A 474 32.70 -5.40 21.90
N ASP A 475 32.22 -4.77 20.84
CA ASP A 475 31.14 -5.39 20.03
C ASP A 475 31.72 -6.45 19.11
N VAL A 476 30.91 -7.47 18.82
CA VAL A 476 31.27 -8.48 17.82
C VAL A 476 30.93 -7.99 16.40
N VAL A 477 31.85 -8.21 15.45
CA VAL A 477 31.58 -7.95 14.04
C VAL A 477 31.89 -9.24 13.27
N VAL A 478 31.04 -9.59 12.30
CA VAL A 478 31.29 -10.77 11.48
C VAL A 478 32.04 -10.36 10.23
N VAL A 479 33.20 -10.96 9.98
CA VAL A 479 34.13 -10.47 8.96
C VAL A 479 34.33 -11.56 7.92
N VAL A 480 34.09 -11.22 6.66
CA VAL A 480 34.08 -12.19 5.58
C VAL A 480 35.10 -11.76 4.51
N HIS A 481 36.03 -12.65 4.19
CA HIS A 481 36.94 -12.46 3.03
C HIS A 481 37.61 -13.77 2.75
N ALA A 482 38.72 -13.77 1.97
CA ALA A 482 39.41 -15.05 1.73
C ALA A 482 40.55 -15.26 2.73
N ASP A 483 40.95 -16.52 2.91
CA ASP A 483 42.13 -16.81 3.70
C ASP A 483 43.36 -16.44 2.88
N HIS A 484 44.54 -16.74 3.39
CA HIS A 484 45.75 -16.19 2.77
C HIS A 484 46.09 -16.74 1.42
N SER A 485 45.46 -17.84 1.01
CA SER A 485 45.79 -18.36 -0.31
C SER A 485 44.65 -18.43 -1.36
N VAL A 486 43.40 -18.49 -0.91
CA VAL A 486 42.29 -18.60 -1.88
C VAL A 486 42.05 -17.27 -2.62
N LYS A 487 41.92 -17.34 -3.95
CA LYS A 487 41.65 -16.15 -4.77
C LYS A 487 40.32 -16.30 -5.52
N GLY A 488 39.63 -15.17 -5.71
CA GLY A 488 38.47 -15.14 -6.61
C GLY A 488 37.14 -15.01 -5.87
N TYR A 489 37.15 -15.27 -4.56
CA TYR A 489 35.92 -15.34 -3.77
C TYR A 489 36.29 -15.46 -2.28
N PRO A 490 35.35 -15.14 -1.38
CA PRO A 490 35.64 -15.29 0.07
C PRO A 490 35.36 -16.73 0.53
N ASN A 491 36.31 -17.36 1.21
CA ASN A 491 36.10 -18.71 1.73
C ASN A 491 36.14 -18.76 3.25
N GLN A 492 36.10 -17.61 3.90
CA GLN A 492 36.41 -17.54 5.33
C GLN A 492 35.43 -16.55 6.01
N THR A 493 34.95 -16.90 7.20
CA THR A 493 34.22 -15.94 8.07
C THR A 493 34.86 -16.00 9.44
N ARG A 494 34.94 -14.85 10.11
CA ARG A 494 35.55 -14.76 11.47
C ARG A 494 34.61 -13.89 12.32
N LEU A 495 34.51 -14.19 13.60
CA LEU A 495 33.90 -13.25 14.54
C LEU A 495 35.01 -12.53 15.26
N ILE A 496 35.01 -11.20 15.18
CA ILE A 496 36.07 -10.39 15.76
C ILE A 496 35.43 -9.39 16.74
N TYR A 497 36.02 -9.25 17.92
CA TYR A 497 35.64 -8.17 18.82
C TYR A 497 36.38 -6.88 18.45
N LEU A 498 35.65 -5.77 18.40
CA LEU A 498 36.29 -4.49 18.13
C LEU A 498 37.20 -4.13 19.25
N PRO A 499 38.45 -3.79 18.91
CA PRO A 499 39.44 -3.36 19.91
C PRO A 499 39.15 -1.95 20.41
N SER B 2 6.30 -21.01 3.16
CA SER B 2 6.63 -19.63 3.55
C SER B 2 5.92 -18.61 2.62
N GLN B 3 5.90 -17.35 3.04
CA GLN B 3 5.32 -16.27 2.24
C GLN B 3 6.14 -16.06 0.99
N LEU B 4 7.47 -16.18 1.13
CA LEU B 4 8.36 -16.00 0.00
C LEU B 4 8.07 -17.06 -1.06
N GLU B 5 7.95 -18.30 -0.63
CA GLU B 5 7.67 -19.40 -1.56
C GLU B 5 6.30 -19.23 -2.21
N HIS B 6 5.32 -18.78 -1.44
CA HIS B 6 3.99 -18.48 -2.00
C HIS B 6 4.07 -17.41 -3.07
N ASN B 7 4.81 -16.33 -2.78
CA ASN B 7 4.91 -15.19 -3.69
C ASN B 7 5.50 -15.55 -5.05
N ILE B 8 6.54 -16.39 -5.06
CA ILE B 8 7.22 -16.64 -6.30
C ILE B 8 6.35 -17.52 -7.24
N GLY B 9 5.33 -18.15 -6.66
CA GLY B 9 4.37 -18.94 -7.45
C GLY B 9 3.16 -18.11 -7.94
N LEU B 10 3.07 -16.82 -7.57
CA LEU B 10 1.89 -15.99 -7.98
C LEU B 10 1.89 -15.74 -9.51
N SER B 11 0.69 -15.67 -10.09
CA SER B 11 0.57 -15.44 -11.55
C SER B 11 -0.44 -14.35 -11.81
N ILE B 12 -0.12 -13.43 -12.71
CA ILE B 12 -1.13 -12.46 -13.14
C ILE B 12 -2.06 -13.03 -14.23
N PHE B 13 -1.83 -14.28 -14.63
CA PHE B 13 -2.55 -14.85 -15.79
C PHE B 13 -3.63 -15.84 -15.40
N GLU B 14 -3.78 -16.10 -14.10
CA GLU B 14 -4.79 -17.04 -13.61
C GLU B 14 -6.13 -16.35 -13.34
N PRO B 15 -7.25 -17.09 -13.43
CA PRO B 15 -8.54 -16.49 -13.10
C PRO B 15 -8.56 -16.09 -11.62
N VAL B 16 -9.21 -14.97 -11.31
CA VAL B 16 -9.35 -14.56 -9.91
C VAL B 16 -10.60 -15.16 -9.28
N ALA B 17 -10.71 -15.05 -7.96
CA ALA B 17 -11.89 -15.51 -7.25
C ALA B 17 -13.14 -14.90 -7.87
N LYS B 18 -14.21 -15.71 -7.99
CA LYS B 18 -15.49 -15.22 -8.50
C LYS B 18 -16.31 -14.52 -7.43
N HIS B 19 -16.04 -14.81 -6.17
CA HIS B 19 -16.85 -14.26 -5.09
C HIS B 19 -16.05 -13.44 -4.12
N ARG B 20 -16.36 -12.16 -4.00
CA ARG B 20 -15.53 -11.23 -3.23
C ARG B 20 -15.80 -11.43 -1.74
N ALA B 21 -14.75 -11.66 -0.96
CA ALA B 21 -14.88 -11.92 0.50
C ALA B 21 -14.90 -10.62 1.34
N ASN B 22 -14.10 -9.64 0.94
CA ASN B 22 -14.01 -8.42 1.74
C ASN B 22 -15.16 -7.47 1.46
N ARG B 23 -15.38 -6.58 2.41
CA ARG B 23 -16.56 -5.71 2.37
C ARG B 23 -16.17 -4.23 2.31
N ILE B 24 -17.03 -3.44 1.68
CA ILE B 24 -16.75 -2.02 1.43
C ILE B 24 -17.75 -1.13 2.17
N VAL B 25 -17.21 -0.20 2.95
CA VAL B 25 -18.03 0.80 3.64
C VAL B 25 -17.92 2.14 2.88
N CYS B 26 -19.05 2.73 2.50
CA CYS B 26 -19.03 4.00 1.74
C CYS B 26 -19.65 5.12 2.55
N THR B 27 -19.00 6.27 2.57
CA THR B 27 -19.57 7.43 3.24
C THR B 27 -20.51 8.15 2.27
N ILE B 28 -21.69 8.49 2.77
CA ILE B 28 -22.71 9.12 1.96
C ILE B 28 -22.58 10.66 2.06
N GLY B 29 -22.72 11.33 0.92
CA GLY B 29 -22.76 12.80 0.93
C GLY B 29 -23.50 13.31 -0.28
N PRO B 30 -23.19 14.55 -0.71
CA PRO B 30 -23.84 15.19 -1.87
C PRO B 30 -23.72 14.36 -3.15
N SER B 31 -22.58 13.72 -3.37
CA SER B 31 -22.42 12.89 -4.58
C SER B 31 -23.38 11.71 -4.60
N THR B 32 -23.78 11.23 -3.43
CA THR B 32 -24.32 9.87 -3.32
C THR B 32 -25.62 9.71 -2.52
N GLN B 33 -26.27 10.81 -2.13
CA GLN B 33 -27.41 10.69 -1.21
C GLN B 33 -28.72 10.32 -1.86
N SER B 34 -28.87 10.59 -3.15
CA SER B 34 -30.13 10.29 -3.87
C SER B 34 -30.37 8.79 -3.95
N VAL B 35 -31.64 8.38 -4.04
CA VAL B 35 -31.98 6.96 -4.13
C VAL B 35 -31.28 6.28 -5.33
N GLU B 36 -31.27 6.99 -6.46
CA GLU B 36 -30.57 6.51 -7.64
C GLU B 36 -29.08 6.29 -7.40
N ALA B 37 -28.41 7.33 -6.90
CA ALA B 37 -26.99 7.23 -6.57
C ALA B 37 -26.73 6.03 -5.66
N LEU B 38 -27.60 5.85 -4.66
CA LEU B 38 -27.38 4.79 -3.65
C LEU B 38 -27.55 3.41 -4.27
N LYS B 39 -28.51 3.28 -5.19
CA LYS B 39 -28.66 2.03 -5.92
C LYS B 39 -27.40 1.69 -6.72
N ASN B 40 -26.85 2.68 -7.42
CA ASN B 40 -25.63 2.45 -8.17
C ASN B 40 -24.43 2.14 -7.28
N LEU B 41 -24.37 2.73 -6.09
CA LEU B 41 -23.33 2.39 -5.13
C LEU B 41 -23.47 0.94 -4.69
N MET B 42 -24.71 0.52 -4.43
CA MET B 42 -24.97 -0.87 -4.02
C MET B 42 -24.61 -1.86 -5.12
N LYS B 43 -25.07 -1.59 -6.33
CA LYS B 43 -24.66 -2.38 -7.47
C LYS B 43 -23.16 -2.41 -7.65
N SER B 44 -22.48 -1.32 -7.32
CA SER B 44 -21.03 -1.24 -7.50
C SER B 44 -20.24 -2.06 -6.44
N GLY B 45 -20.85 -2.28 -5.28
CA GLY B 45 -20.19 -3.05 -4.22
C GLY B 45 -20.34 -2.54 -2.79
N MET B 46 -21.12 -1.47 -2.56
CA MET B 46 -21.27 -0.97 -1.18
C MET B 46 -22.04 -1.98 -0.31
N SER B 47 -21.48 -2.33 0.86
CA SER B 47 -22.21 -3.18 1.84
C SER B 47 -22.71 -2.41 3.07
N VAL B 48 -22.06 -1.29 3.37
CA VAL B 48 -22.46 -0.47 4.54
C VAL B 48 -22.43 1.00 4.12
N ALA B 49 -23.50 1.73 4.46
CA ALA B 49 -23.57 3.18 4.26
C ALA B 49 -23.18 3.86 5.56
N ARG B 50 -22.14 4.69 5.50
CA ARG B 50 -21.67 5.45 6.67
C ARG B 50 -22.22 6.86 6.64
N MET B 51 -22.85 7.26 7.74
CA MET B 51 -23.26 8.65 7.94
C MET B 51 -22.27 9.34 8.84
N ASN B 52 -21.65 10.40 8.35
CA ASN B 52 -20.66 11.12 9.11
C ASN B 52 -21.31 12.26 9.91
N PHE B 53 -21.52 12.03 11.20
CA PHE B 53 -22.26 13.02 12.01
C PHE B 53 -21.36 14.14 12.50
N SER B 54 -20.13 14.17 12.00
CA SER B 54 -19.35 15.40 12.09
C SER B 54 -20.03 16.60 11.40
N HIS B 55 -20.84 16.30 10.40
CA HIS B 55 -21.50 17.35 9.59
C HIS B 55 -22.94 16.98 9.42
N GLY B 56 -23.78 17.96 9.11
CA GLY B 56 -25.16 17.68 8.69
C GLY B 56 -26.12 17.66 9.86
N SER B 57 -27.36 18.01 9.62
CA SER B 57 -28.38 17.96 10.66
C SER B 57 -29.01 16.58 10.72
N HIS B 58 -29.87 16.37 11.71
CA HIS B 58 -30.66 15.15 11.77
C HIS B 58 -31.55 15.00 10.56
N GLU B 59 -32.09 16.09 10.06
CA GLU B 59 -32.94 15.99 8.86
C GLU B 59 -32.14 15.46 7.65
N TYR B 60 -30.92 15.97 7.49
CA TYR B 60 -30.04 15.51 6.42
C TYR B 60 -29.78 14.00 6.53
N HIS B 61 -29.48 13.55 7.74
CA HIS B 61 -29.16 12.13 7.94
C HIS B 61 -30.39 11.25 7.88
N GLN B 62 -31.55 11.81 8.23
CA GLN B 62 -32.81 11.09 8.01
C GLN B 62 -33.03 10.80 6.54
N THR B 63 -32.75 11.77 5.69
CA THR B 63 -32.82 11.54 4.27
C THR B 63 -31.89 10.41 3.82
N THR B 64 -30.68 10.39 4.35
CA THR B 64 -29.77 9.29 4.04
C THR B 64 -30.38 7.97 4.42
N ILE B 65 -30.87 7.88 5.66
CA ILE B 65 -31.43 6.63 6.15
C ILE B 65 -32.59 6.16 5.24
N ASN B 66 -33.52 7.08 4.94
CA ASN B 66 -34.69 6.74 4.15
C ASN B 66 -34.30 6.30 2.75
N ASN B 67 -33.37 7.04 2.14
CA ASN B 67 -32.95 6.74 0.78
C ASN B 67 -32.18 5.40 0.66
N VAL B 68 -31.35 5.11 1.67
CA VAL B 68 -30.66 3.82 1.71
C VAL B 68 -31.65 2.66 1.77
N ARG B 69 -32.62 2.78 2.66
CA ARG B 69 -33.64 1.76 2.81
C ARG B 69 -34.46 1.57 1.54
N ALA B 70 -34.80 2.67 0.86
CA ALA B 70 -35.59 2.58 -0.36
C ALA B 70 -34.77 1.92 -1.46
N ALA B 71 -33.52 2.33 -1.59
CA ALA B 71 -32.63 1.76 -2.60
C ALA B 71 -32.40 0.27 -2.33
N ALA B 72 -32.15 -0.08 -1.07
CA ALA B 72 -31.92 -1.47 -0.70
C ALA B 72 -33.15 -2.34 -0.96
N ALA B 73 -34.34 -1.82 -0.61
CA ALA B 73 -35.60 -2.53 -0.89
C ALA B 73 -35.81 -2.79 -2.39
N GLU B 74 -35.51 -1.80 -3.22
CA GLU B 74 -35.65 -1.96 -4.66
C GLU B 74 -34.77 -3.08 -5.19
N LEU B 75 -33.57 -3.20 -4.64
CA LEU B 75 -32.62 -4.18 -5.15
C LEU B 75 -32.67 -5.49 -4.38
N GLY B 76 -33.47 -5.53 -3.33
CA GLY B 76 -33.58 -6.74 -2.51
C GLY B 76 -32.31 -7.05 -1.71
N LEU B 77 -31.62 -6.01 -1.24
CA LEU B 77 -30.35 -6.19 -0.52
C LEU B 77 -30.51 -5.85 0.95
N HIS B 78 -29.62 -6.38 1.78
CA HIS B 78 -29.53 -5.96 3.16
C HIS B 78 -28.29 -5.16 3.33
N ILE B 79 -28.45 -3.88 3.60
CA ILE B 79 -27.34 -2.94 3.61
C ILE B 79 -27.25 -2.36 5.03
N GLY B 80 -26.05 -2.38 5.60
CA GLY B 80 -25.87 -1.87 6.95
C GLY B 80 -25.85 -0.35 6.94
N ILE B 81 -26.28 0.23 8.03
CA ILE B 81 -26.26 1.67 8.16
C ILE B 81 -25.49 2.02 9.40
N ALA B 82 -24.42 2.81 9.24
CA ALA B 82 -23.51 3.11 10.33
C ALA B 82 -23.58 4.60 10.66
N LEU B 83 -23.59 4.90 11.96
CA LEU B 83 -23.58 6.28 12.44
C LEU B 83 -22.21 6.56 13.03
N ASP B 84 -21.46 7.46 12.39
CA ASP B 84 -20.09 7.75 12.80
C ASP B 84 -20.13 9.07 13.60
N THR B 85 -19.83 8.99 14.90
CA THR B 85 -20.03 10.13 15.80
C THR B 85 -19.05 11.25 15.51
N LYS B 86 -19.49 12.48 15.75
CA LYS B 86 -18.57 13.61 15.82
C LYS B 86 -17.51 13.35 16.89
N GLY B 87 -17.94 13.07 18.12
CA GLY B 87 -17.01 12.79 19.21
C GLY B 87 -16.28 14.07 19.61
N PRO B 88 -15.13 13.93 20.27
CA PRO B 88 -14.41 15.09 20.78
C PRO B 88 -13.57 15.80 19.73
N GLU B 89 -14.19 16.24 18.63
CA GLU B 89 -13.48 16.99 17.60
C GLU B 89 -13.16 18.40 18.06
N ILE B 90 -12.03 18.93 17.61
CA ILE B 90 -11.73 20.34 17.79
C ILE B 90 -11.56 20.98 16.42
N ARG B 91 -12.16 22.16 16.24
CA ARG B 91 -12.07 22.85 14.96
CA ARG B 91 -12.17 22.87 14.94
C ARG B 91 -11.82 24.34 15.16
N THR B 92 -11.27 24.97 14.12
CA THR B 92 -11.26 26.44 14.06
C THR B 92 -12.68 27.00 13.89
N GLY B 93 -12.81 28.30 14.10
CA GLY B 93 -14.00 29.04 13.69
C GLY B 93 -13.98 29.41 12.20
N LEU B 94 -14.75 30.43 11.85
CA LEU B 94 -14.82 30.92 10.48
C LEU B 94 -13.81 32.04 10.28
N PHE B 95 -13.52 32.37 9.04
CA PHE B 95 -12.62 33.47 8.74
C PHE B 95 -13.30 34.56 7.91
N LYS B 96 -13.02 35.82 8.25
CA LYS B 96 -13.34 36.94 7.37
C LYS B 96 -12.87 36.62 5.95
N ASP B 97 -13.82 36.29 5.09
CA ASP B 97 -13.55 36.06 3.66
C ASP B 97 -13.71 34.60 3.29
N GLY B 98 -13.65 33.73 4.30
CA GLY B 98 -13.72 32.29 4.07
C GLY B 98 -12.34 31.66 3.98
N GLU B 99 -11.32 32.52 3.97
CA GLU B 99 -9.95 32.09 3.77
C GLU B 99 -8.99 33.10 4.41
N VAL B 100 -7.87 32.60 4.92
CA VAL B 100 -6.72 33.45 5.29
C VAL B 100 -5.42 32.70 4.97
N SER B 101 -4.37 33.42 4.65
CA SER B 101 -3.09 32.80 4.30
C SER B 101 -1.96 33.18 5.26
N PHE B 102 -1.18 32.18 5.64
CA PHE B 102 -0.11 32.38 6.60
C PHE B 102 1.24 32.06 5.96
N ALA B 103 2.26 32.84 6.31
CA ALA B 103 3.64 32.45 6.03
C ALA B 103 4.37 32.13 7.33
N PRO B 104 5.47 31.37 7.24
CA PRO B 104 6.28 31.05 8.42
C PRO B 104 6.73 32.32 9.16
N GLY B 105 6.63 32.30 10.48
CA GLY B 105 7.02 33.45 11.28
C GLY B 105 5.89 34.43 11.57
N ASP B 106 4.79 34.32 10.82
CA ASP B 106 3.56 35.03 11.19
C ASP B 106 3.18 34.71 12.64
N ILE B 107 3.06 35.75 13.45
CA ILE B 107 2.51 35.61 14.82
C ILE B 107 0.99 35.77 14.78
N VAL B 108 0.29 34.80 15.38
CA VAL B 108 -1.18 34.80 15.35
C VAL B 108 -1.70 34.42 16.73
N CYS B 109 -2.74 35.12 17.17
CA CYS B 109 -3.43 34.77 18.43
C CYS B 109 -4.62 33.84 18.16
N VAL B 110 -4.68 32.75 18.91
CA VAL B 110 -5.81 31.87 18.81
C VAL B 110 -6.58 31.96 20.11
N THR B 111 -7.88 32.14 19.99
CA THR B 111 -8.71 32.47 21.13
C THR B 111 -9.85 31.45 21.29
N THR B 112 -10.23 31.18 22.54
CA THR B 112 -11.39 30.35 22.84
C THR B 112 -12.65 31.17 22.99
N ASP B 113 -12.50 32.49 22.88
CA ASP B 113 -13.58 33.44 23.08
C ASP B 113 -14.51 33.47 21.84
N PRO B 114 -15.76 33.00 22.00
CA PRO B 114 -16.65 32.75 20.85
C PRO B 114 -17.10 34.02 20.13
N ALA B 115 -16.86 35.18 20.74
CA ALA B 115 -17.05 36.46 20.05
C ALA B 115 -16.28 36.49 18.72
N TYR B 116 -15.21 35.70 18.62
CA TYR B 116 -14.38 35.69 17.41
C TYR B 116 -14.72 34.57 16.42
N GLU B 117 -15.78 33.82 16.70
CA GLU B 117 -16.04 32.59 15.97
C GLU B 117 -16.22 32.83 14.47
N LYS B 118 -16.86 33.93 14.13
CA LYS B 118 -17.30 34.14 12.75
C LYS B 118 -16.37 35.10 12.01
N VAL B 119 -15.44 35.69 12.74
CA VAL B 119 -14.66 36.81 12.22
C VAL B 119 -13.14 36.56 12.31
N GLY B 120 -12.72 35.32 12.11
CA GLY B 120 -11.31 34.97 12.11
C GLY B 120 -10.50 35.77 11.10
N THR B 121 -9.31 36.21 11.50
CA THR B 121 -8.37 36.84 10.56
C THR B 121 -6.99 36.24 10.73
N LYS B 122 -6.04 36.76 9.95
CA LYS B 122 -4.65 36.34 10.05
C LYS B 122 -4.03 36.71 11.40
N GLU B 123 -4.60 37.71 12.06
CA GLU B 123 -4.09 38.17 13.35
C GLU B 123 -4.67 37.39 14.53
N LYS B 124 -5.93 36.98 14.42
CA LYS B 124 -6.61 36.33 15.52
C LYS B 124 -7.77 35.49 15.01
N PHE B 125 -7.86 34.25 15.49
CA PHE B 125 -9.02 33.42 15.19
C PHE B 125 -9.39 32.44 16.29
N TYR B 126 -10.54 31.81 16.13
CA TYR B 126 -11.21 31.07 17.18
C TYR B 126 -10.96 29.57 17.02
N ILE B 127 -10.79 28.88 18.15
CA ILE B 127 -10.80 27.42 18.20
C ILE B 127 -11.83 26.99 19.25
N ASP B 128 -12.65 26.00 18.91
CA ASP B 128 -13.82 25.71 19.72
C ASP B 128 -13.56 24.76 20.90
N TYR B 129 -12.33 24.76 21.41
CA TYR B 129 -12.01 23.98 22.62
C TYR B 129 -11.72 24.91 23.82
N PRO B 130 -12.71 25.08 24.73
CA PRO B 130 -12.66 26.16 25.72
C PRO B 130 -11.51 26.00 26.72
N GLN B 131 -11.03 24.77 26.90
CA GLN B 131 -9.88 24.55 27.80
C GLN B 131 -8.52 24.56 27.10
N LEU B 132 -8.47 25.15 25.90
CA LEU B 132 -7.23 25.19 25.09
C LEU B 132 -6.00 25.61 25.89
N THR B 133 -6.11 26.73 26.61
CA THR B 133 -4.94 27.30 27.28
C THR B 133 -4.53 26.49 28.52
N ASN B 134 -5.39 25.57 28.96
CA ASN B 134 -4.97 24.54 29.94
C ASN B 134 -4.20 23.38 29.29
N ALA B 135 -4.54 23.06 28.04
CA ALA B 135 -4.06 21.84 27.41
C ALA B 135 -2.70 22.02 26.74
N VAL B 136 -2.49 23.19 26.14
CA VAL B 136 -1.24 23.42 25.42
C VAL B 136 -0.43 24.57 26.02
N ARG B 137 0.80 24.26 26.40
CA ARG B 137 1.68 25.20 27.12
C ARG B 137 2.58 25.94 26.14
N PRO B 138 3.18 27.06 26.58
CA PRO B 138 4.25 27.65 25.76
C PRO B 138 5.28 26.59 25.34
N GLY B 139 5.68 26.61 24.07
CA GLY B 139 6.60 25.60 23.54
C GLY B 139 5.91 24.44 22.83
N GLY B 140 4.62 24.28 23.10
CA GLY B 140 3.83 23.21 22.48
C GLY B 140 3.39 23.56 21.08
N SER B 141 2.81 22.59 20.40
CA SER B 141 2.42 22.75 18.99
C SER B 141 0.93 22.48 18.77
N ILE B 142 0.31 23.29 17.93
CA ILE B 142 -1.08 23.09 17.51
C ILE B 142 -1.08 22.69 16.03
N TYR B 143 -1.58 21.50 15.74
CA TYR B 143 -1.71 21.01 14.37
C TYR B 143 -3.04 21.42 13.75
N VAL B 144 -2.96 22.07 12.61
CA VAL B 144 -4.16 22.59 11.97
C VAL B 144 -4.36 21.95 10.59
N ASP B 145 -5.57 21.46 10.33
CA ASP B 145 -5.96 21.06 8.97
C ASP B 145 -5.21 19.81 8.50
N ASP B 146 -5.63 18.64 9.00
CA ASP B 146 -4.92 17.37 8.78
C ASP B 146 -3.44 17.50 9.10
N GLY B 147 -3.11 18.28 10.12
CA GLY B 147 -1.71 18.45 10.52
C GLY B 147 -0.81 19.05 9.45
N VAL B 148 -1.41 19.70 8.44
CA VAL B 148 -0.65 20.40 7.37
C VAL B 148 0.05 21.68 7.84
N MET B 149 -0.58 22.42 8.74
CA MET B 149 0.05 23.59 9.31
C MET B 149 0.25 23.40 10.80
N THR B 150 1.44 23.75 11.28
CA THR B 150 1.69 23.74 12.71
C THR B 150 1.98 25.14 13.26
N LEU B 151 1.49 25.39 14.47
CA LEU B 151 1.78 26.60 15.23
C LEU B 151 2.57 26.22 16.48
N ARG B 152 3.64 26.96 16.75
CA ARG B 152 4.30 26.87 18.04
C ARG B 152 3.67 27.88 18.98
N VAL B 153 3.31 27.43 20.17
CA VAL B 153 2.77 28.33 21.16
C VAL B 153 3.91 29.17 21.73
N VAL B 154 3.87 30.48 21.46
CA VAL B 154 4.88 31.41 21.96
C VAL B 154 4.61 31.76 23.43
N SER B 155 3.37 32.12 23.72
CA SER B 155 3.00 32.47 25.10
C SER B 155 1.50 32.38 25.32
N LYS B 156 1.13 32.25 26.58
CA LYS B 156 -0.26 32.37 26.98
C LYS B 156 -0.55 33.82 27.32
N GLU B 157 -1.35 34.49 26.48
CA GLU B 157 -1.68 35.90 26.70
C GLU B 157 -2.62 36.03 27.87
N ASP B 158 -3.61 35.13 27.93
CA ASP B 158 -4.52 35.06 29.08
C ASP B 158 -5.31 33.76 28.94
N ASP B 159 -6.33 33.58 29.78
CA ASP B 159 -6.97 32.27 29.92
C ASP B 159 -7.74 31.91 28.65
N ARG B 160 -7.97 32.91 27.80
CA ARG B 160 -8.76 32.70 26.58
C ARG B 160 -7.89 32.74 25.32
N THR B 161 -6.60 33.03 25.48
CA THR B 161 -5.80 33.46 24.32
C THR B 161 -4.35 32.98 24.37
N LEU B 162 -3.91 32.36 23.26
CA LEU B 162 -2.50 32.00 23.08
C LEU B 162 -1.91 32.79 21.91
N LYS B 163 -0.68 33.26 22.10
CA LYS B 163 0.07 33.87 21.01
C LYS B 163 0.93 32.81 20.36
N CYS B 164 0.81 32.66 19.04
CA CYS B 164 1.41 31.51 18.36
C CYS B 164 2.28 31.92 17.18
N HIS B 165 3.29 31.11 16.90
CA HIS B 165 4.18 31.32 15.77
C HIS B 165 3.89 30.30 14.66
N VAL B 166 3.51 30.79 13.48
CA VAL B 166 3.21 29.91 12.34
C VAL B 166 4.46 29.31 11.71
N ASN B 167 4.48 27.98 11.57
CA ASN B 167 5.70 27.28 11.18
C ASN B 167 5.83 27.14 9.67
N ASN B 168 4.72 27.15 8.96
CA ASN B 168 4.77 26.91 7.53
C ASN B 168 3.70 27.64 6.73
N HIS B 169 3.96 27.78 5.43
CA HIS B 169 2.97 28.31 4.49
C HIS B 169 1.74 27.45 4.49
N HIS B 170 0.59 28.09 4.68
CA HIS B 170 -0.69 27.40 4.51
C HIS B 170 -1.81 28.36 4.25
N ARG B 171 -2.76 27.92 3.43
CA ARG B 171 -4.02 28.64 3.25
C ARG B 171 -5.11 27.98 4.10
N LEU B 172 -5.53 28.70 5.14
CA LEU B 172 -6.50 28.18 6.10
C LEU B 172 -7.92 28.60 5.70
N THR B 173 -8.84 27.62 5.68
CA THR B 173 -10.23 27.90 5.38
C THR B 173 -11.13 27.60 6.58
N ASP B 174 -12.44 27.80 6.41
CA ASP B 174 -13.37 27.69 7.54
C ASP B 174 -13.36 26.31 8.19
N ARG B 175 -13.34 26.30 9.53
CA ARG B 175 -13.74 25.12 10.32
C ARG B 175 -12.84 23.90 10.06
N ARG B 176 -11.55 24.14 9.97
CA ARG B 176 -10.58 23.05 9.82
C ARG B 176 -10.36 22.33 11.15
N GLY B 177 -9.99 21.06 11.07
CA GLY B 177 -9.66 20.26 12.24
C GLY B 177 -8.40 20.75 12.95
N ILE B 178 -8.41 20.58 14.27
CA ILE B 178 -7.28 20.88 15.12
C ILE B 178 -6.90 19.58 15.84
N ASN B 179 -5.61 19.26 15.86
CA ASN B 179 -5.12 18.16 16.70
C ASN B 179 -4.08 18.67 17.68
N LEU B 180 -4.08 18.09 18.87
CA LEU B 180 -3.14 18.47 19.92
C LEU B 180 -2.45 17.22 20.47
N PRO B 181 -1.62 16.57 19.64
CA PRO B 181 -0.94 15.37 20.11
C PRO B 181 0.07 15.71 21.22
N GLY B 182 0.20 14.82 22.19
CA GLY B 182 1.08 15.06 23.35
C GLY B 182 0.50 16.04 24.36
N CYS B 183 -0.75 16.47 24.15
CA CYS B 183 -1.47 17.29 25.14
C CYS B 183 -2.50 16.48 25.93
N GLU B 184 -2.68 16.83 27.20
CA GLU B 184 -3.86 16.38 27.96
C GLU B 184 -5.14 17.09 27.53
N VAL B 185 -5.81 16.54 26.54
CA VAL B 185 -7.11 17.04 26.13
C VAL B 185 -8.18 16.21 26.82
N ASP B 186 -9.06 16.88 27.54
CA ASP B 186 -10.04 16.19 28.37
C ASP B 186 -11.45 16.52 27.86
N LEU B 187 -11.87 15.82 26.81
CA LEU B 187 -13.23 15.97 26.29
C LEU B 187 -13.95 14.65 26.44
N PRO B 188 -15.28 14.67 26.66
CA PRO B 188 -16.01 13.41 26.85
C PRO B 188 -16.02 12.56 25.57
N ALA B 189 -16.14 11.25 25.72
CA ALA B 189 -16.32 10.39 24.56
C ALA B 189 -17.71 10.64 23.96
N VAL B 190 -18.66 10.97 24.85
CA VAL B 190 -20.04 11.29 24.47
C VAL B 190 -20.45 12.68 24.97
N SER B 191 -20.33 13.68 24.10
CA SER B 191 -20.81 15.01 24.42
C SER B 191 -22.35 15.02 24.42
N GLU B 192 -22.94 16.13 24.85
CA GLU B 192 -24.37 16.30 24.74
C GLU B 192 -24.83 16.17 23.29
N LYS B 193 -24.05 16.73 22.37
CA LYS B 193 -24.35 16.56 20.97
C LYS B 193 -24.32 15.07 20.56
N ASP B 194 -23.26 14.37 20.98
CA ASP B 194 -23.12 12.94 20.65
C ASP B 194 -24.32 12.14 21.21
N ARG B 195 -24.71 12.47 22.44
CA ARG B 195 -25.83 11.78 23.11
C ARG B 195 -27.12 11.91 22.29
N LYS B 196 -27.40 13.11 21.80
CA LYS B 196 -28.60 13.31 20.98
C LYS B 196 -28.50 12.56 19.64
N ASP B 197 -27.31 12.54 19.07
CA ASP B 197 -27.06 11.81 17.84
C ASP B 197 -27.30 10.32 18.03
N LEU B 198 -26.77 9.78 19.12
CA LEU B 198 -26.89 8.35 19.37
C LEU B 198 -28.35 7.97 19.67
N GLU B 199 -29.07 8.85 20.38
CA GLU B 199 -30.51 8.60 20.62
C GLU B 199 -31.31 8.65 19.34
N PHE B 200 -30.92 9.55 18.43
CA PHE B 200 -31.45 9.56 17.07
C PHE B 200 -31.14 8.24 16.33
N GLY B 201 -29.91 7.78 16.42
CA GLY B 201 -29.54 6.51 15.77
C GLY B 201 -30.41 5.35 16.26
N VAL B 202 -30.55 5.24 17.57
CA VAL B 202 -31.41 4.21 18.13
C VAL B 202 -32.85 4.35 17.64
N ALA B 203 -33.40 5.57 17.73
CA ALA B 203 -34.79 5.79 17.31
C ALA B 203 -34.99 5.38 15.85
N GLN B 204 -33.99 5.63 15.02
CA GLN B 204 -34.09 5.33 13.61
C GLN B 204 -33.57 3.93 13.23
N GLY B 205 -33.14 3.16 14.22
CA GLY B 205 -32.75 1.76 13.95
C GLY B 205 -31.44 1.58 13.14
N VAL B 206 -30.43 2.41 13.39
CA VAL B 206 -29.10 2.16 12.76
C VAL B 206 -28.50 0.83 13.24
N ASP B 207 -27.64 0.22 12.42
CA ASP B 207 -27.09 -1.10 12.74
C ASP B 207 -25.82 -1.07 13.64
N MET B 208 -25.07 0.01 13.55
CA MET B 208 -23.79 0.08 14.19
C MET B 208 -23.37 1.54 14.40
N ILE B 209 -22.57 1.75 15.43
CA ILE B 209 -21.98 3.05 15.68
C ILE B 209 -20.49 2.94 15.37
N PHE B 210 -19.95 3.91 14.64
CA PHE B 210 -18.47 4.06 14.52
C PHE B 210 -18.07 5.16 15.52
N ALA B 211 -17.60 4.75 16.70
CA ALA B 211 -17.41 5.68 17.80
C ALA B 211 -16.03 6.35 17.73
N SER B 212 -16.03 7.67 17.54
CA SER B 212 -14.78 8.42 17.28
C SER B 212 -13.92 8.58 18.53
N PHE B 213 -12.60 8.59 18.33
CA PHE B 213 -11.59 8.91 19.37
C PHE B 213 -11.73 8.07 20.62
N ILE B 214 -12.04 6.79 20.47
CA ILE B 214 -12.12 5.93 21.66
C ILE B 214 -10.73 5.74 22.32
N ARG B 215 -10.63 6.06 23.62
CA ARG B 215 -9.34 6.04 24.29
C ARG B 215 -9.22 4.85 25.25
N THR B 216 -10.36 4.40 25.79
CA THR B 216 -10.38 3.41 26.87
C THR B 216 -11.60 2.53 26.74
N ALA B 217 -11.59 1.41 27.45
CA ALA B 217 -12.72 0.52 27.48
C ALA B 217 -13.89 1.23 28.16
N GLU B 218 -13.58 2.04 29.16
CA GLU B 218 -14.64 2.74 29.89
C GLU B 218 -15.42 3.69 28.96
N GLN B 219 -14.73 4.27 27.99
CA GLN B 219 -15.42 5.10 27.00
C GLN B 219 -16.34 4.30 26.10
N VAL B 220 -15.93 3.09 25.75
CA VAL B 220 -16.83 2.18 25.01
C VAL B 220 -18.12 1.92 25.81
N ARG B 221 -17.96 1.66 27.11
CA ARG B 221 -19.11 1.51 27.99
C ARG B 221 -20.01 2.75 28.14
N GLU B 222 -19.43 3.93 28.05
CA GLU B 222 -20.23 5.17 28.03
C GLU B 222 -21.07 5.27 26.76
N VAL B 223 -20.49 4.90 25.61
CA VAL B 223 -21.27 4.83 24.38
C VAL B 223 -22.40 3.81 24.47
N ARG B 224 -22.10 2.64 25.02
CA ARG B 224 -23.12 1.62 25.18
C ARG B 224 -24.27 2.11 26.13
N ALA B 225 -23.91 2.86 27.17
CA ALA B 225 -24.93 3.40 28.10
C ALA B 225 -25.77 4.48 27.42
N ALA B 226 -25.16 5.27 26.55
CA ALA B 226 -25.90 6.32 25.85
C ALA B 226 -26.90 5.71 24.84
N LEU B 227 -26.60 4.50 24.37
CA LEU B 227 -27.48 3.83 23.41
C LEU B 227 -28.73 3.30 24.12
N GLY B 228 -28.56 2.91 25.39
CA GLY B 228 -29.70 2.62 26.27
C GLY B 228 -30.28 1.24 26.04
N GLU B 229 -31.43 0.96 26.67
CA GLU B 229 -32.02 -0.38 26.65
C GLU B 229 -32.38 -0.76 25.24
N LYS B 230 -32.87 0.22 24.49
CA LYS B 230 -33.37 -0.02 23.16
C LYS B 230 -32.24 -0.18 22.13
N GLY B 231 -31.02 0.19 22.52
CA GLY B 231 -29.88 0.13 21.61
C GLY B 231 -28.85 -0.96 21.91
N LYS B 232 -29.24 -1.95 22.71
CA LYS B 232 -28.28 -2.92 23.26
C LYS B 232 -27.71 -3.86 22.18
N ASP B 233 -28.41 -4.02 21.05
CA ASP B 233 -27.93 -4.94 19.99
C ASP B 233 -27.21 -4.24 18.83
N ILE B 234 -27.09 -2.92 18.94
CA ILE B 234 -26.36 -2.12 17.95
C ILE B 234 -24.85 -2.32 18.14
N LEU B 235 -24.12 -2.63 17.07
CA LEU B 235 -22.68 -2.87 17.19
C LEU B 235 -21.97 -1.58 17.58
N ILE B 236 -21.01 -1.67 18.47
CA ILE B 236 -20.12 -0.54 18.66
C ILE B 236 -18.76 -0.85 18.04
N ILE B 237 -18.42 -0.12 16.99
CA ILE B 237 -17.11 -0.26 16.35
C ILE B 237 -16.24 0.92 16.86
N SER B 238 -15.23 0.64 17.69
CA SER B 238 -14.42 1.72 18.25
C SER B 238 -13.39 2.19 17.24
N LYS B 239 -13.33 3.50 17.03
CA LYS B 239 -12.34 4.05 16.13
C LYS B 239 -11.06 4.37 16.89
N ILE B 240 -9.95 3.87 16.40
CA ILE B 240 -8.67 4.08 17.06
C ILE B 240 -7.93 5.17 16.32
N GLU B 241 -7.77 6.31 16.97
CA GLU B 241 -7.25 7.48 16.27
C GLU B 241 -6.38 8.37 17.10
N ASN B 242 -5.91 7.85 18.22
CA ASN B 242 -4.88 8.53 18.98
C ASN B 242 -3.96 7.57 19.69
N HIS B 243 -2.94 8.14 20.33
CA HIS B 243 -1.92 7.39 21.02
C HIS B 243 -2.53 6.49 22.10
N GLN B 244 -3.43 7.05 22.90
CA GLN B 244 -3.96 6.33 24.04
C GLN B 244 -4.86 5.17 23.57
N GLY B 245 -5.56 5.36 22.46
CA GLY B 245 -6.35 4.30 21.86
C GLY B 245 -5.46 3.13 21.45
N VAL B 246 -4.32 3.44 20.85
CA VAL B 246 -3.40 2.38 20.44
C VAL B 246 -2.85 1.65 21.69
N GLN B 247 -2.46 2.43 22.69
CA GLN B 247 -1.91 1.88 23.95
C GLN B 247 -2.92 0.92 24.60
N ASN B 248 -4.20 1.28 24.56
CA ASN B 248 -5.24 0.52 25.26
C ASN B 248 -6.00 -0.43 24.34
N ILE B 249 -5.38 -0.78 23.22
CA ILE B 249 -6.05 -1.55 22.21
C ILE B 249 -6.68 -2.86 22.73
N ASP B 250 -5.95 -3.60 23.58
CA ASP B 250 -6.46 -4.91 24.03
C ASP B 250 -7.79 -4.74 24.78
N SER B 251 -7.81 -3.82 25.75
CA SER B 251 -9.03 -3.61 26.56
C SER B 251 -10.15 -2.98 25.71
N ILE B 252 -9.78 -2.15 24.75
CA ILE B 252 -10.79 -1.57 23.83
C ILE B 252 -11.39 -2.66 22.92
N ILE B 253 -10.55 -3.54 22.40
CA ILE B 253 -11.05 -4.65 21.59
C ILE B 253 -12.00 -5.52 22.42
N GLU B 254 -11.62 -5.82 23.65
CA GLU B 254 -12.44 -6.69 24.47
C GLU B 254 -13.84 -6.08 24.74
N ALA B 255 -13.90 -4.77 24.92
CA ALA B 255 -15.17 -4.06 25.17
C ALA B 255 -16.06 -3.84 23.94
N SER B 256 -15.46 -3.84 22.75
CA SER B 256 -16.14 -3.37 21.53
C SER B 256 -16.69 -4.57 20.74
N ASN B 257 -17.58 -4.32 19.79
CA ASN B 257 -17.93 -5.34 18.82
C ASN B 257 -16.92 -5.45 17.65
N GLY B 258 -16.15 -4.39 17.42
CA GLY B 258 -15.17 -4.38 16.32
C GLY B 258 -14.40 -3.08 16.38
N ILE B 259 -13.51 -2.86 15.43
CA ILE B 259 -12.55 -1.76 15.50
C ILE B 259 -12.48 -1.12 14.11
N MET B 260 -12.30 0.19 14.07
CA MET B 260 -11.85 0.86 12.86
C MET B 260 -10.46 1.45 13.10
N VAL B 261 -9.53 1.17 12.19
CA VAL B 261 -8.26 1.87 12.18
C VAL B 261 -8.45 3.20 11.47
N ALA B 262 -8.64 4.25 12.24
CA ALA B 262 -9.10 5.53 11.70
C ALA B 262 -7.85 6.37 11.36
N ARG B 263 -7.28 6.12 10.18
CA ARG B 263 -5.89 6.52 9.91
C ARG B 263 -5.70 8.04 9.72
N GLY B 264 -6.80 8.73 9.40
CA GLY B 264 -6.80 10.21 9.26
C GLY B 264 -6.32 10.93 10.52
N ASP B 265 -7.11 10.86 11.58
CA ASP B 265 -6.66 11.39 12.86
C ASP B 265 -5.41 10.67 13.41
N LEU B 266 -5.36 9.35 13.28
CA LEU B 266 -4.23 8.61 13.83
C LEU B 266 -2.90 9.12 13.28
N GLY B 267 -2.86 9.45 11.98
CA GLY B 267 -1.62 9.83 11.32
C GLY B 267 -1.27 11.30 11.54
N VAL B 268 -2.11 12.01 12.29
CA VAL B 268 -1.74 13.32 12.82
C VAL B 268 -1.39 13.19 14.31
N GLU B 269 -2.11 12.33 15.02
CA GLU B 269 -1.86 12.14 16.45
C GLU B 269 -0.54 11.43 16.74
N ILE B 270 -0.16 10.47 15.88
CA ILE B 270 1.17 9.84 15.99
C ILE B 270 1.92 10.11 14.70
N PRO B 271 3.25 9.90 14.71
CA PRO B 271 4.03 10.16 13.50
C PRO B 271 3.47 9.34 12.34
N ALA B 272 3.29 9.96 11.19
CA ALA B 272 2.53 9.32 10.08
C ALA B 272 3.12 7.96 9.72
N GLU B 273 4.45 7.84 9.80
CA GLU B 273 5.13 6.59 9.44
C GLU B 273 4.84 5.43 10.41
N LYS B 274 4.35 5.73 11.62
CA LYS B 274 4.02 4.70 12.58
C LYS B 274 2.66 4.10 12.34
N VAL B 275 1.85 4.76 11.52
CA VAL B 275 0.47 4.27 11.28
C VAL B 275 0.51 2.85 10.66
N CYS B 276 1.50 2.56 9.82
CA CYS B 276 1.62 1.24 9.19
CA CYS B 276 1.58 1.25 9.21
C CYS B 276 1.80 0.14 10.23
N VAL B 277 2.60 0.43 11.26
CA VAL B 277 2.82 -0.52 12.35
C VAL B 277 1.57 -0.71 13.21
N ALA B 278 0.92 0.41 13.59
CA ALA B 278 -0.35 0.34 14.29
C ALA B 278 -1.37 -0.46 13.52
N GLN B 279 -1.50 -0.19 12.23
CA GLN B 279 -2.49 -0.89 11.41
C GLN B 279 -2.30 -2.43 11.47
N MET B 280 -1.07 -2.88 11.21
CA MET B 280 -0.76 -4.31 11.16
C MET B 280 -1.09 -4.95 12.50
N CYS B 281 -0.68 -4.29 13.57
CA CYS B 281 -0.90 -4.79 14.91
C CYS B 281 -2.39 -4.83 15.30
N ILE B 282 -3.13 -3.76 15.02
CA ILE B 282 -4.54 -3.70 15.36
C ILE B 282 -5.34 -4.72 14.55
N ILE B 283 -5.08 -4.80 13.25
CA ILE B 283 -5.84 -5.76 12.44
C ILE B 283 -5.60 -7.20 12.90
N SER B 284 -4.34 -7.56 13.14
CA SER B 284 -4.02 -8.92 13.60
C SER B 284 -4.61 -9.25 14.97
N LYS B 285 -4.66 -8.26 15.86
CA LYS B 285 -5.27 -8.47 17.17
C LYS B 285 -6.79 -8.70 17.07
N CYS B 286 -7.45 -7.99 16.17
CA CYS B 286 -8.87 -8.24 15.88
C CYS B 286 -9.09 -9.61 15.26
N ASN B 287 -8.24 -9.98 14.30
CA ASN B 287 -8.37 -11.31 13.69
C ASN B 287 -8.29 -12.42 14.78
N VAL B 288 -7.32 -12.32 15.66
CA VAL B 288 -7.11 -13.35 16.65
C VAL B 288 -8.34 -13.59 17.54
N VAL B 289 -9.06 -12.52 17.90
CA VAL B 289 -10.28 -12.68 18.71
C VAL B 289 -11.55 -12.76 17.85
N GLY B 290 -11.41 -12.71 16.53
CA GLY B 290 -12.58 -12.82 15.64
C GLY B 290 -13.59 -11.67 15.75
N LYS B 291 -13.09 -10.45 15.85
CA LYS B 291 -13.96 -9.31 15.76
C LYS B 291 -13.66 -8.52 14.48
N PRO B 292 -14.71 -7.99 13.84
CA PRO B 292 -14.50 -7.30 12.56
C PRO B 292 -13.61 -6.07 12.68
N VAL B 293 -12.77 -5.85 11.67
CA VAL B 293 -11.94 -4.70 11.69
C VAL B 293 -11.96 -3.97 10.33
N ILE B 294 -12.04 -2.64 10.39
CA ILE B 294 -12.19 -1.80 9.20
C ILE B 294 -10.96 -0.93 9.04
N CYS B 295 -10.37 -0.93 7.84
CA CYS B 295 -9.28 0.01 7.52
C CYS B 295 -9.87 1.23 6.81
N ALA B 296 -9.57 2.44 7.33
CA ALA B 296 -10.21 3.67 6.84
C ALA B 296 -9.21 4.74 6.42
N THR B 297 -9.59 5.54 5.42
CA THR B 297 -9.10 6.90 5.23
C THR B 297 -8.00 7.05 4.19
N GLN B 298 -8.33 7.78 3.12
CA GLN B 298 -7.43 8.06 2.01
C GLN B 298 -6.96 6.81 1.25
N MET B 299 -7.76 5.75 1.29
CA MET B 299 -7.37 4.52 0.58
C MET B 299 -7.33 4.71 -0.93
N LEU B 300 -8.29 5.46 -1.48
CA LEU B 300 -8.30 5.75 -2.95
C LEU B 300 -8.48 7.27 -3.19
N GLU B 301 -7.78 8.05 -2.39
CA GLU B 301 -8.09 9.48 -2.22
C GLU B 301 -8.12 10.23 -3.58
N SER B 302 -7.13 9.96 -4.44
CA SER B 302 -7.02 10.71 -5.69
C SER B 302 -8.23 10.50 -6.62
N MET B 303 -8.97 9.40 -6.43
CA MET B 303 -10.17 9.16 -7.24
C MET B 303 -11.32 10.07 -6.87
N THR B 304 -11.14 10.89 -5.85
CA THR B 304 -12.08 11.97 -5.59
C THR B 304 -12.23 12.90 -6.81
N SER B 305 -11.13 13.08 -7.57
CA SER B 305 -11.13 13.94 -8.77
CA SER B 305 -11.14 13.93 -8.77
C SER B 305 -10.68 13.23 -10.06
N ASN B 306 -10.00 12.10 -9.93
CA ASN B 306 -9.50 11.37 -11.12
C ASN B 306 -10.24 10.07 -11.32
N PRO B 307 -10.36 9.64 -12.58
CA PRO B 307 -11.11 8.43 -12.90
C PRO B 307 -10.32 7.13 -12.63
N ARG B 308 -9.05 7.27 -12.25
CA ARG B 308 -8.19 6.12 -11.93
C ARG B 308 -7.40 6.47 -10.66
N PRO B 309 -7.05 5.45 -9.84
CA PRO B 309 -6.26 5.63 -8.61
C PRO B 309 -4.75 5.65 -8.90
N THR B 310 -3.96 6.12 -7.94
CA THR B 310 -2.50 6.01 -8.09
C THR B 310 -2.03 4.58 -7.78
N ARG B 311 -0.76 4.30 -8.08
CA ARG B 311 -0.21 2.99 -7.79
C ARG B 311 -0.15 2.74 -6.26
N ALA B 312 0.11 3.78 -5.48
CA ALA B 312 0.16 3.64 -4.00
C ALA B 312 -1.23 3.31 -3.43
N GLU B 313 -2.26 3.90 -4.00
CA GLU B 313 -3.62 3.66 -3.54
C GLU B 313 -4.11 2.24 -3.84
N VAL B 314 -3.76 1.71 -5.01
CA VAL B 314 -4.10 0.32 -5.29
C VAL B 314 -3.39 -0.60 -4.27
N SER B 315 -2.10 -0.36 -4.09
CA SER B 315 -1.29 -1.11 -3.13
C SER B 315 -1.90 -1.05 -1.72
N ASP B 316 -2.32 0.14 -1.32
CA ASP B 316 -2.86 0.34 0.02
C ASP B 316 -4.11 -0.52 0.27
N VAL B 317 -5.01 -0.55 -0.70
CA VAL B 317 -6.22 -1.35 -0.59
C VAL B 317 -5.84 -2.86 -0.57
N ALA B 318 -4.96 -3.28 -1.48
CA ALA B 318 -4.59 -4.69 -1.52
C ALA B 318 -3.93 -5.11 -0.18
N ASN B 319 -3.05 -4.29 0.33
CA ASN B 319 -2.32 -4.66 1.51
C ASN B 319 -3.20 -4.64 2.78
N ALA B 320 -4.22 -3.79 2.80
CA ALA B 320 -5.17 -3.81 3.94
C ALA B 320 -5.88 -5.19 3.96
N VAL B 321 -6.25 -5.66 2.78
CA VAL B 321 -6.85 -6.97 2.63
C VAL B 321 -5.88 -8.10 3.02
N LEU B 322 -4.64 -8.05 2.51
CA LEU B 322 -3.63 -9.05 2.91
C LEU B 322 -3.30 -8.99 4.43
N ASN B 323 -3.33 -7.79 5.00
CA ASN B 323 -3.06 -7.61 6.47
C ASN B 323 -4.09 -8.42 7.28
N GLY B 324 -5.31 -8.56 6.72
CA GLY B 324 -6.42 -9.30 7.38
C GLY B 324 -7.68 -8.47 7.67
N ALA B 325 -7.78 -7.24 7.12
CA ALA B 325 -8.97 -6.38 7.37
C ALA B 325 -10.25 -7.01 6.78
N ASP B 326 -11.35 -7.03 7.54
CA ASP B 326 -12.62 -7.48 6.99
C ASP B 326 -13.09 -6.50 5.93
N CYS B 327 -13.02 -5.20 6.27
CA CYS B 327 -13.60 -4.16 5.44
C CYS B 327 -12.57 -3.12 5.09
N VAL B 328 -12.85 -2.41 4.02
CA VAL B 328 -12.12 -1.21 3.69
C VAL B 328 -13.13 -0.11 3.46
N MET B 329 -12.71 1.12 3.70
CA MET B 329 -13.67 2.22 3.73
C MET B 329 -13.32 3.36 2.74
N LEU B 330 -14.35 4.04 2.26
CA LEU B 330 -14.22 5.23 1.44
C LEU B 330 -14.93 6.38 2.13
N SER B 331 -14.33 7.56 2.04
CA SER B 331 -14.87 8.73 2.71
C SER B 331 -15.26 9.77 1.68
N GLY B 332 -14.41 10.77 1.49
CA GLY B 332 -14.63 11.79 0.45
C GLY B 332 -14.74 11.21 -0.96
N GLU B 333 -14.10 10.07 -1.19
CA GLU B 333 -14.17 9.44 -2.51
C GLU B 333 -15.63 9.22 -2.94
N THR B 334 -16.47 8.80 -2.00
CA THR B 334 -17.87 8.59 -2.33
C THR B 334 -18.78 9.73 -1.83
N ALA B 335 -18.41 10.38 -0.74
CA ALA B 335 -19.27 11.44 -0.18
C ALA B 335 -19.36 12.65 -1.12
N LYS B 336 -18.24 13.00 -1.75
CA LYS B 336 -18.17 14.25 -2.49
C LYS B 336 -17.38 14.14 -3.76
N GLY B 337 -16.97 12.91 -4.11
CA GLY B 337 -16.16 12.68 -5.29
C GLY B 337 -16.90 12.79 -6.61
N LYS B 338 -16.15 12.91 -7.69
CA LYS B 338 -16.72 12.93 -9.04
C LYS B 338 -17.00 11.54 -9.60
N TYR B 339 -16.40 10.50 -9.03
CA TYR B 339 -16.53 9.15 -9.58
C TYR B 339 -16.89 8.10 -8.52
N PRO B 340 -17.99 8.33 -7.79
CA PRO B 340 -18.31 7.43 -6.67
C PRO B 340 -18.53 5.97 -7.10
N ASN B 341 -19.17 5.75 -8.25
CA ASN B 341 -19.39 4.38 -8.70
C ASN B 341 -18.10 3.71 -9.13
N GLU B 342 -17.26 4.44 -9.86
CA GLU B 342 -16.01 3.89 -10.32
C GLU B 342 -15.05 3.57 -9.16
N VAL B 343 -14.99 4.43 -8.15
CA VAL B 343 -14.05 4.18 -7.06
C VAL B 343 -14.43 2.90 -6.29
N VAL B 344 -15.74 2.68 -6.12
CA VAL B 344 -16.21 1.46 -5.46
C VAL B 344 -15.95 0.24 -6.33
N GLN B 345 -16.11 0.38 -7.64
CA GLN B 345 -15.79 -0.71 -8.55
C GLN B 345 -14.29 -1.07 -8.55
N TYR B 346 -13.42 -0.05 -8.52
CA TYR B 346 -11.97 -0.30 -8.37
C TYR B 346 -11.68 -1.01 -7.04
N MET B 347 -12.24 -0.50 -5.96
CA MET B 347 -11.95 -1.02 -4.66
C MET B 347 -12.36 -2.49 -4.61
N ALA B 348 -13.48 -2.81 -5.25
CA ALA B 348 -13.94 -4.20 -5.29
C ALA B 348 -13.03 -5.12 -6.12
N ARG B 349 -12.48 -4.62 -7.23
CA ARG B 349 -11.56 -5.42 -8.06
C ARG B 349 -10.24 -5.66 -7.34
N ILE B 350 -9.75 -4.64 -6.63
CA ILE B 350 -8.50 -4.76 -5.87
C ILE B 350 -8.66 -5.76 -4.73
N CYS B 351 -9.79 -5.68 -4.00
CA CYS B 351 -10.09 -6.65 -2.96
C CYS B 351 -10.00 -8.06 -3.48
N VAL B 352 -10.70 -8.33 -4.59
CA VAL B 352 -10.69 -9.65 -5.18
C VAL B 352 -9.31 -10.15 -5.61
N GLU B 353 -8.49 -9.28 -6.17
CA GLU B 353 -7.11 -9.70 -6.54
C GLU B 353 -6.31 -10.08 -5.30
N ALA B 354 -6.40 -9.26 -4.26
CA ALA B 354 -5.65 -9.54 -3.01
C ALA B 354 -6.13 -10.82 -2.36
N GLN B 355 -7.45 -10.97 -2.31
CA GLN B 355 -8.07 -12.23 -1.83
C GLN B 355 -7.53 -13.44 -2.63
N SER B 356 -7.43 -13.29 -3.94
CA SER B 356 -6.96 -14.38 -4.80
C SER B 356 -5.46 -14.66 -4.68
N ALA B 357 -4.70 -13.68 -4.19
CA ALA B 357 -3.25 -13.85 -3.96
C ALA B 357 -2.94 -14.28 -2.51
N THR B 358 -3.97 -14.53 -1.73
CA THR B 358 -3.78 -14.89 -0.31
C THR B 358 -3.59 -16.40 -0.22
N HIS B 359 -2.59 -16.84 0.51
CA HIS B 359 -2.43 -18.31 0.74
C HIS B 359 -3.68 -18.89 1.43
N ASP B 360 -4.25 -19.95 0.86
CA ASP B 360 -5.49 -20.56 1.40
C ASP B 360 -5.55 -20.63 2.93
N THR B 361 -4.52 -21.24 3.52
CA THR B 361 -4.66 -21.78 4.89
C THR B 361 -3.75 -21.14 5.93
N VAL B 362 -2.85 -20.24 5.53
CA VAL B 362 -1.96 -19.58 6.49
C VAL B 362 -2.73 -18.88 7.61
N MET B 363 -3.77 -18.11 7.26
CA MET B 363 -4.55 -17.41 8.30
C MET B 363 -5.25 -18.42 9.22
N PHE B 364 -5.92 -19.41 8.62
CA PHE B 364 -6.60 -20.43 9.39
C PHE B 364 -5.68 -21.03 10.46
N ASN B 365 -4.52 -21.52 10.03
CA ASN B 365 -3.58 -22.15 10.95
C ASN B 365 -2.99 -21.17 11.98
N SER B 366 -2.62 -19.97 11.57
CA SER B 366 -2.02 -19.01 12.52
CA SER B 366 -2.01 -19.02 12.51
C SER B 366 -3.03 -18.59 13.57
N ILE B 367 -4.28 -18.43 13.14
CA ILE B 367 -5.35 -18.00 14.06
C ILE B 367 -5.69 -19.12 15.06
N LYS B 368 -5.83 -20.32 14.55
CA LYS B 368 -6.14 -21.47 15.40
C LYS B 368 -5.05 -21.74 16.41
N ASN B 369 -3.80 -21.63 15.98
CA ASN B 369 -2.67 -21.88 16.86
C ASN B 369 -2.59 -20.92 18.04
N LEU B 370 -3.22 -19.75 17.93
CA LEU B 370 -3.21 -18.82 19.07
C LEU B 370 -4.41 -18.95 20.04
N GLN B 371 -5.35 -19.86 19.77
CA GLN B 371 -6.53 -19.97 20.63
C GLN B 371 -6.22 -20.82 21.88
N LYS B 372 -6.88 -20.50 22.99
CA LYS B 372 -6.73 -21.31 24.20
C LYS B 372 -7.51 -22.63 24.09
N ILE B 373 -6.86 -23.72 24.51
CA ILE B 373 -7.49 -25.05 24.55
C ILE B 373 -7.74 -25.39 26.05
N PRO B 374 -8.96 -25.85 26.41
CA PRO B 374 -10.01 -26.29 25.48
C PRO B 374 -10.83 -25.13 24.94
N MET B 375 -11.28 -25.25 23.70
CA MET B 375 -12.23 -24.32 23.12
C MET B 375 -13.61 -24.60 23.69
N CYS B 376 -14.50 -23.64 23.57
CA CYS B 376 -15.94 -23.91 23.64
CA CYS B 376 -15.90 -23.99 23.70
C CYS B 376 -16.34 -24.82 22.48
N PRO B 377 -17.40 -25.63 22.68
CA PRO B 377 -17.80 -26.58 21.65
C PRO B 377 -18.16 -25.88 20.33
N GLU B 378 -18.82 -24.73 20.38
CA GLU B 378 -19.23 -24.09 19.12
C GLU B 378 -17.99 -23.61 18.33
N GLU B 379 -16.94 -23.21 19.04
CA GLU B 379 -15.72 -22.80 18.36
C GLU B 379 -14.90 -23.98 17.82
N ALA B 380 -14.92 -25.11 18.54
CA ALA B 380 -14.36 -26.38 18.01
C ALA B 380 -15.12 -26.80 16.76
N VAL B 381 -16.45 -26.67 16.79
CA VAL B 381 -17.29 -27.01 15.62
C VAL B 381 -16.98 -26.07 14.45
N CYS B 382 -16.97 -24.76 14.70
CA CYS B 382 -16.76 -23.80 13.60
C CYS B 382 -15.36 -23.88 13.00
N SER B 383 -14.32 -24.01 13.83
CA SER B 383 -12.95 -24.15 13.31
C SER B 383 -12.78 -25.44 12.52
N SER B 384 -13.31 -26.55 13.03
CA SER B 384 -13.16 -27.82 12.31
CA SER B 384 -13.17 -27.82 12.31
C SER B 384 -14.03 -27.86 11.04
N ALA B 385 -15.13 -27.10 11.03
CA ALA B 385 -15.95 -26.98 9.80
C ALA B 385 -15.18 -26.28 8.71
N VAL B 386 -14.49 -25.19 9.06
CA VAL B 386 -13.62 -24.53 8.07
C VAL B 386 -12.53 -25.49 7.56
N ALA B 387 -11.89 -26.23 8.47
CA ALA B 387 -10.89 -27.24 8.06
C ALA B 387 -11.50 -28.26 7.08
N SER B 388 -12.72 -28.73 7.34
CA SER B 388 -13.34 -29.68 6.43
CA SER B 388 -13.43 -29.66 6.44
C SER B 388 -13.66 -29.04 5.06
N ALA B 389 -13.97 -27.73 5.06
CA ALA B 389 -14.20 -27.02 3.77
C ALA B 389 -12.93 -26.98 2.93
N PHE B 390 -11.78 -26.74 3.57
CA PHE B 390 -10.48 -26.82 2.88
C PHE B 390 -10.22 -28.25 2.34
N GLU B 391 -10.50 -29.26 3.15
CA GLU B 391 -10.12 -30.64 2.80
C GLU B 391 -10.93 -31.13 1.62
N VAL B 392 -12.20 -30.70 1.53
CA VAL B 392 -13.07 -31.17 0.40
C VAL B 392 -13.19 -30.14 -0.71
N GLN B 393 -12.48 -29.02 -0.58
CA GLN B 393 -12.58 -27.90 -1.52
C GLN B 393 -14.02 -27.43 -1.69
N ALA B 394 -14.71 -27.29 -0.59
CA ALA B 394 -16.11 -26.86 -0.63
C ALA B 394 -16.22 -25.51 -1.33
N LYS B 395 -17.28 -25.36 -2.10
CA LYS B 395 -17.53 -24.10 -2.77
C LYS B 395 -18.28 -23.09 -1.92
N ALA B 396 -18.87 -23.56 -0.82
CA ALA B 396 -19.56 -22.67 0.11
C ALA B 396 -19.73 -23.34 1.44
N MET B 397 -19.90 -22.53 2.48
CA MET B 397 -20.32 -23.01 3.77
C MET B 397 -21.68 -22.40 4.03
N LEU B 398 -22.45 -23.05 4.90
CA LEU B 398 -23.80 -22.58 5.26
C LEU B 398 -23.93 -22.66 6.77
N VAL B 399 -24.29 -21.55 7.42
CA VAL B 399 -24.44 -21.56 8.87
C VAL B 399 -25.76 -20.90 9.22
N LEU B 400 -26.50 -21.50 10.15
CA LEU B 400 -27.64 -20.85 10.76
C LEU B 400 -27.16 -19.97 11.90
N SER B 401 -27.46 -18.67 11.82
CA SER B 401 -27.11 -17.78 12.93
C SER B 401 -28.21 -16.78 13.14
N ASN B 402 -28.68 -16.68 14.37
CA ASN B 402 -29.70 -15.67 14.72
C ASN B 402 -29.11 -14.34 15.19
N THR B 403 -28.06 -14.40 16.01
CA THR B 403 -27.43 -13.18 16.54
C THR B 403 -26.32 -12.70 15.62
N GLY B 404 -25.80 -13.60 14.78
CA GLY B 404 -24.59 -13.30 14.02
C GLY B 404 -23.39 -14.04 14.56
N ARG B 405 -23.46 -14.47 15.81
CA ARG B 405 -22.28 -14.96 16.49
C ARG B 405 -21.61 -16.12 15.72
N SER B 406 -22.40 -17.11 15.29
CA SER B 406 -21.86 -18.28 14.63
C SER B 406 -21.26 -17.95 13.27
N ALA B 407 -21.85 -16.99 12.55
CA ALA B 407 -21.26 -16.57 11.27
C ALA B 407 -19.91 -15.89 11.50
N ARG B 408 -19.82 -15.05 12.53
CA ARG B 408 -18.55 -14.39 12.83
C ARG B 408 -17.49 -15.39 13.27
N LEU B 409 -17.93 -16.44 13.96
CA LEU B 409 -17.00 -17.48 14.44
C LEU B 409 -16.46 -18.32 13.29
N ILE B 410 -17.29 -18.54 12.26
CA ILE B 410 -16.76 -19.21 11.07
C ILE B 410 -15.84 -18.26 10.32
N SER B 411 -16.26 -16.99 10.16
CA SER B 411 -15.44 -16.02 9.45
C SER B 411 -14.07 -15.81 10.12
N LYS B 412 -14.04 -15.93 11.44
CA LYS B 412 -12.77 -15.81 12.20
C LYS B 412 -11.70 -16.74 11.64
N TYR B 413 -12.11 -17.92 11.18
CA TYR B 413 -11.13 -18.93 10.71
C TYR B 413 -10.83 -18.81 9.23
N ARG B 414 -11.41 -17.80 8.57
CA ARG B 414 -10.93 -17.35 7.26
C ARG B 414 -10.97 -18.48 6.19
N PRO B 415 -12.18 -19.02 5.92
CA PRO B 415 -12.34 -19.94 4.80
C PRO B 415 -12.10 -19.22 3.49
N ASN B 416 -11.85 -19.97 2.41
CA ASN B 416 -11.61 -19.32 1.12
C ASN B 416 -12.88 -19.30 0.24
N CYS B 417 -14.02 -19.66 0.82
CA CYS B 417 -15.30 -19.72 0.04
C CYS B 417 -16.31 -18.86 0.77
N PRO B 418 -17.48 -18.60 0.15
CA PRO B 418 -18.50 -17.79 0.81
C PRO B 418 -19.07 -18.49 2.02
N ILE B 419 -19.46 -17.71 3.01
CA ILE B 419 -20.21 -18.23 4.15
C ILE B 419 -21.65 -17.73 4.06
N ILE B 420 -22.55 -18.60 3.58
CA ILE B 420 -23.96 -18.24 3.52
C ILE B 420 -24.56 -18.36 4.91
N CYS B 421 -25.07 -17.26 5.44
CA CYS B 421 -25.66 -17.26 6.74
C CYS B 421 -27.19 -17.12 6.60
N VAL B 422 -27.92 -18.14 7.01
CA VAL B 422 -29.36 -18.02 7.11
C VAL B 422 -29.73 -17.53 8.48
N THR B 423 -30.37 -16.37 8.54
CA THR B 423 -30.63 -15.74 9.82
C THR B 423 -32.12 -15.40 10.00
N THR B 424 -32.57 -15.33 11.24
CA THR B 424 -33.98 -15.03 11.54
C THR B 424 -34.18 -13.56 11.88
N ARG B 425 -33.14 -12.74 11.75
CA ARG B 425 -33.25 -11.32 12.03
C ARG B 425 -32.71 -10.48 10.91
N LEU B 426 -33.52 -9.53 10.45
CA LEU B 426 -33.05 -8.59 9.43
C LEU B 426 -31.84 -7.79 9.92
N GLN B 427 -31.84 -7.39 11.17
CA GLN B 427 -30.72 -6.63 11.68
C GLN B 427 -29.41 -7.42 11.65
N THR B 428 -29.49 -8.73 11.91
CA THR B 428 -28.29 -9.58 11.78
C THR B 428 -27.79 -9.57 10.33
N CYS B 429 -28.71 -9.68 9.39
CA CYS B 429 -28.35 -9.57 7.95
C CYS B 429 -27.52 -8.30 7.71
N ARG B 430 -28.02 -7.18 8.23
CA ARG B 430 -27.34 -5.92 8.03
C ARG B 430 -25.99 -5.85 8.76
N GLN B 431 -25.94 -6.34 9.99
CA GLN B 431 -24.69 -6.21 10.79
C GLN B 431 -23.56 -7.12 10.26
N LEU B 432 -23.95 -8.23 9.63
CA LEU B 432 -22.97 -9.19 9.11
C LEU B 432 -22.26 -8.66 7.83
N ASN B 433 -22.68 -7.48 7.37
CA ASN B 433 -21.99 -6.81 6.25
C ASN B 433 -20.58 -6.32 6.61
N VAL B 434 -20.21 -6.32 7.89
CA VAL B 434 -18.84 -5.95 8.24
C VAL B 434 -17.95 -7.17 8.52
N THR B 435 -18.45 -8.35 8.16
CA THR B 435 -17.72 -9.58 8.40
C THR B 435 -17.32 -10.28 7.09
N ARG B 436 -16.02 -10.57 6.96
CA ARG B 436 -15.48 -11.12 5.73
C ARG B 436 -16.24 -12.40 5.32
N SER B 437 -16.51 -12.53 4.02
CA SER B 437 -17.05 -13.78 3.39
C SER B 437 -18.54 -14.01 3.55
N VAL B 438 -19.17 -13.38 4.55
CA VAL B 438 -20.57 -13.70 4.86
C VAL B 438 -21.54 -13.11 3.86
N VAL B 439 -22.45 -13.94 3.36
CA VAL B 439 -23.57 -13.46 2.59
C VAL B 439 -24.84 -13.91 3.32
N SER B 440 -25.72 -12.96 3.64
CA SER B 440 -26.89 -13.27 4.50
C SER B 440 -28.19 -13.54 3.72
N VAL B 441 -29.01 -14.45 4.24
CA VAL B 441 -30.33 -14.72 3.68
C VAL B 441 -31.31 -14.69 4.85
N PHE B 442 -32.40 -13.95 4.69
CA PHE B 442 -33.36 -13.77 5.80
C PHE B 442 -34.44 -14.87 5.79
N TYR B 443 -34.57 -15.58 6.92
CA TYR B 443 -35.66 -16.55 7.12
C TYR B 443 -36.64 -15.94 8.09
N ASP B 444 -37.88 -15.72 7.64
CA ASP B 444 -38.87 -15.08 8.45
C ASP B 444 -39.61 -16.16 9.25
N ALA B 445 -39.19 -16.41 10.50
CA ALA B 445 -39.77 -17.53 11.25
C ALA B 445 -41.23 -17.27 11.64
N ALA B 446 -41.61 -16.02 11.80
CA ALA B 446 -43.01 -15.70 12.13
C ALA B 446 -43.91 -16.11 10.96
N LYS B 447 -43.41 -15.90 9.74
CA LYS B 447 -44.16 -16.21 8.54
C LYS B 447 -44.07 -17.69 8.18
N SER B 448 -42.87 -18.30 8.37
CA SER B 448 -42.60 -19.62 7.78
C SER B 448 -42.60 -20.77 8.79
N GLY B 449 -42.60 -20.44 10.07
CA GLY B 449 -42.65 -21.48 11.09
C GLY B 449 -41.33 -21.58 11.85
N GLU B 450 -41.38 -22.24 13.00
CA GLU B 450 -40.22 -22.33 13.90
C GLU B 450 -38.99 -23.04 13.32
N ASP B 451 -39.21 -24.01 12.43
CA ASP B 451 -38.06 -24.74 11.81
C ASP B 451 -37.11 -25.36 12.84
N LYS B 452 -37.69 -26.08 13.82
CA LYS B 452 -36.89 -26.73 14.86
C LYS B 452 -35.90 -27.75 14.29
N ASP B 453 -36.27 -28.46 13.23
CA ASP B 453 -35.37 -29.45 12.66
C ASP B 453 -34.41 -28.86 11.58
N LYS B 454 -34.42 -27.53 11.42
CA LYS B 454 -33.45 -26.80 10.58
C LYS B 454 -33.66 -26.97 9.08
N GLU B 455 -34.63 -27.77 8.66
CA GLU B 455 -34.71 -28.17 7.26
C GLU B 455 -35.12 -27.01 6.33
N LYS B 456 -36.05 -26.19 6.78
CA LYS B 456 -36.46 -25.06 5.96
C LYS B 456 -35.33 -24.06 5.74
N ARG B 457 -34.60 -23.74 6.80
CA ARG B 457 -33.51 -22.81 6.66
C ARG B 457 -32.35 -23.36 5.81
N VAL B 458 -32.03 -24.63 5.97
CA VAL B 458 -30.95 -25.24 5.21
C VAL B 458 -31.34 -25.25 3.73
N LYS B 459 -32.60 -25.56 3.46
CA LYS B 459 -33.07 -25.57 2.07
C LYS B 459 -33.02 -24.16 1.46
N LEU B 460 -33.45 -23.17 2.22
CA LEU B 460 -33.36 -21.78 1.82
C LEU B 460 -31.93 -21.41 1.46
N GLY B 461 -30.96 -21.88 2.25
CA GLY B 461 -29.56 -21.50 1.99
C GLY B 461 -28.94 -22.27 0.82
N LEU B 462 -29.30 -23.53 0.69
CA LEU B 462 -28.81 -24.31 -0.46
C LEU B 462 -29.41 -23.80 -1.77
N ASP B 463 -30.68 -23.39 -1.73
CA ASP B 463 -31.33 -22.77 -2.91
C ASP B 463 -30.67 -21.44 -3.27
N PHE B 464 -30.42 -20.61 -2.26
CA PHE B 464 -29.63 -19.40 -2.45
C PHE B 464 -28.24 -19.69 -3.05
N ALA B 465 -27.56 -20.71 -2.56
CA ALA B 465 -26.25 -21.07 -3.08
C ALA B 465 -26.33 -21.36 -4.58
N LYS B 466 -27.38 -22.08 -4.98
CA LYS B 466 -27.59 -22.40 -6.40
C LYS B 466 -27.90 -21.14 -7.20
N LYS B 467 -28.87 -20.37 -6.72
CA LYS B 467 -29.36 -19.18 -7.41
C LYS B 467 -28.27 -18.15 -7.65
N GLU B 468 -27.43 -17.94 -6.63
CA GLU B 468 -26.34 -16.98 -6.69
C GLU B 468 -25.11 -17.52 -7.38
N LYS B 469 -25.19 -18.76 -7.88
CA LYS B 469 -24.05 -19.41 -8.55
C LYS B 469 -22.81 -19.55 -7.67
N TYR B 470 -23.01 -19.81 -6.38
CA TYR B 470 -21.91 -20.26 -5.53
C TYR B 470 -21.57 -21.72 -5.79
N ALA B 471 -22.60 -22.54 -5.96
CA ALA B 471 -22.38 -23.96 -6.18
C ALA B 471 -23.48 -24.52 -7.04
N SER B 472 -23.27 -25.70 -7.60
CA SER B 472 -24.35 -26.36 -8.31
C SER B 472 -24.47 -27.82 -7.97
N THR B 473 -25.48 -28.47 -8.55
CA THR B 473 -25.80 -29.84 -8.24
C THR B 473 -24.55 -30.72 -8.18
N GLY B 474 -24.41 -31.46 -7.09
CA GLY B 474 -23.30 -32.37 -6.97
C GLY B 474 -22.10 -31.78 -6.26
N ASP B 475 -22.12 -30.46 -6.01
CA ASP B 475 -21.05 -29.83 -5.23
C ASP B 475 -21.26 -30.09 -3.75
N VAL B 476 -20.15 -30.12 -3.00
CA VAL B 476 -20.24 -30.33 -1.55
C VAL B 476 -20.28 -28.98 -0.83
N VAL B 477 -21.19 -28.87 0.13
CA VAL B 477 -21.32 -27.67 0.98
C VAL B 477 -21.14 -28.11 2.44
N VAL B 478 -20.48 -27.30 3.25
CA VAL B 478 -20.31 -27.61 4.69
C VAL B 478 -21.36 -26.81 5.48
N VAL B 479 -22.21 -27.53 6.22
CA VAL B 479 -23.41 -26.94 6.79
C VAL B 479 -23.30 -27.02 8.30
N VAL B 480 -23.43 -25.88 8.99
CA VAL B 480 -23.19 -25.83 10.43
C VAL B 480 -24.44 -25.30 11.14
N HIS B 481 -24.94 -26.05 12.11
CA HIS B 481 -26.05 -25.60 12.97
C HIS B 481 -26.19 -26.58 14.09
N ALA B 482 -27.24 -26.48 14.89
CA ALA B 482 -27.40 -27.46 15.98
C ALA B 482 -28.09 -28.71 15.51
N ASP B 483 -27.86 -29.82 16.22
CA ASP B 483 -28.66 -31.02 16.04
C ASP B 483 -30.08 -30.75 16.56
N HIS B 484 -30.92 -31.78 16.60
CA HIS B 484 -32.32 -31.59 16.96
C HIS B 484 -32.59 -31.22 18.40
N SER B 485 -31.59 -31.33 19.30
CA SER B 485 -31.83 -31.04 20.74
C SER B 485 -31.19 -29.74 21.23
N VAL B 486 -29.95 -29.51 20.82
CA VAL B 486 -29.13 -28.49 21.45
C VAL B 486 -29.65 -27.09 21.10
N LYS B 487 -29.68 -26.19 22.10
CA LYS B 487 -30.17 -24.83 21.90
C LYS B 487 -29.14 -23.84 22.35
N GLY B 488 -28.92 -22.81 21.53
CA GLY B 488 -28.08 -21.70 21.94
C GLY B 488 -26.80 -21.55 21.13
N TYR B 489 -26.39 -22.60 20.41
CA TYR B 489 -25.11 -22.57 19.67
C TYR B 489 -25.12 -23.75 18.71
N PRO B 490 -24.24 -23.74 17.69
CA PRO B 490 -24.18 -24.88 16.80
C PRO B 490 -23.25 -25.98 17.35
N ASN B 491 -23.72 -27.22 17.38
CA ASN B 491 -22.87 -28.35 17.87
C ASN B 491 -22.60 -29.39 16.77
N GLN B 492 -23.01 -29.08 15.54
CA GLN B 492 -23.04 -30.06 14.46
C GLN B 492 -22.47 -29.49 13.16
N THR B 493 -21.75 -30.33 12.41
CA THR B 493 -21.30 -30.01 11.05
C THR B 493 -21.69 -31.15 10.14
N ARG B 494 -22.20 -30.83 8.98
CA ARG B 494 -22.57 -31.87 7.99
C ARG B 494 -21.92 -31.49 6.67
N LEU B 495 -21.53 -32.49 5.89
CA LEU B 495 -21.17 -32.25 4.53
C LEU B 495 -22.29 -32.79 3.63
N ILE B 496 -22.78 -31.92 2.74
CA ILE B 496 -24.03 -32.18 1.97
C ILE B 496 -23.72 -31.93 0.50
N TYR B 497 -24.13 -32.84 -0.37
CA TYR B 497 -24.07 -32.60 -1.82
C TYR B 497 -25.33 -31.85 -2.23
N LEU B 498 -25.16 -30.74 -2.96
CA LEU B 498 -26.30 -30.02 -3.50
C LEU B 498 -27.18 -30.95 -4.35
N PRO B 499 -28.50 -30.95 -4.09
CA PRO B 499 -29.43 -31.83 -4.84
C PRO B 499 -29.73 -31.29 -6.25
MG MG C . 7.91 3.31 -17.61
K K D . 12.54 6.75 -19.06
C PYR E . 7.28 3.49 -14.92
O PYR E . 6.81 3.39 -13.75
OXT PYR E . 6.59 3.13 -15.91
CA PYR E . 8.70 3.91 -15.12
O3 PYR E . 9.16 4.06 -16.26
CB PYR E . 9.60 4.07 -13.92
P1 FDP F . 41.15 -10.09 -2.44
O1P FDP F . 41.48 -10.22 -0.97
O2P FDP F . 40.97 -8.65 -2.84
O3P FDP F . 42.01 -10.93 -3.37
O1 FDP F . 40.54 -13.06 -4.01
C1 FDP F . 40.18 -13.09 -2.64
C2 FDP F . 39.13 -12.02 -2.37
O2 FDP F . 39.63 -10.68 -2.62
C3 FDP F . 38.52 -12.10 -0.98
O3 FDP F . 39.42 -11.59 0.02
C4 FDP F . 37.32 -11.21 -1.15
O4 FDP F . 36.35 -11.36 -0.09
C5 FDP F . 36.79 -11.68 -2.49
O5 FDP F . 37.96 -12.21 -3.21
C6 FDP F . 36.15 -10.53 -3.27
O6 FDP F . 35.42 -11.09 -4.36
P2 FDP F . 34.35 -10.15 -5.15
O4P FDP F . 33.26 -9.84 -4.12
O5P FDP F . 35.17 -8.97 -5.55
O6P FDP F . 33.88 -11.02 -6.29
C1 GOL G . 2.77 -1.23 -26.15
O1 GOL G . 1.87 -2.15 -25.47
C2 GOL G . 4.20 -1.40 -25.64
O2 GOL G . 4.56 -2.80 -25.65
C3 GOL G . 5.15 -0.55 -26.50
O3 GOL G . 6.51 -0.64 -26.04
MG MG H . -11.17 10.68 12.72
K K I . -16.99 11.60 12.47
C PYR J . -10.30 9.18 10.50
O PYR J . -9.61 8.52 9.68
OXT PYR J . -9.75 9.99 11.28
CA PYR J . -11.75 8.93 10.62
O3 PYR J . -12.39 9.53 11.49
CB PYR J . -12.34 7.75 9.89
P1 FDP K . -31.72 -22.46 16.09
O1P FDP K . -31.63 -23.65 15.20
O2P FDP K . -32.26 -21.24 15.46
O3P FDP K . -32.34 -22.75 17.43
O1 FDP K . -30.31 -23.06 19.14
C1 FDP K . -29.66 -23.77 18.07
C2 FDP K . -29.14 -22.77 17.01
O2 FDP K . -30.18 -22.00 16.42
C3 FDP K . -28.33 -23.47 15.90
O3 FDP K . -29.13 -24.21 14.99
C4 FDP K . -27.63 -22.29 15.26
O4 FDP K . -26.50 -22.68 14.45
C5 FDP K . -27.21 -21.49 16.50
O5 FDP K . -28.20 -21.81 17.54
C6 FDP K . -27.18 -19.99 16.23
O6 FDP K . -26.58 -19.30 17.34
P2 FDP K . -26.16 -17.77 17.15
O4P FDP K . -25.13 -17.78 16.01
O5P FDP K . -27.47 -17.10 16.75
O6P FDP K . -25.60 -17.34 18.49
C1 GOL L . -9.42 15.53 19.47
O1 GOL L . -10.16 15.09 20.61
C2 GOL L . -8.06 15.96 19.98
O2 GOL L . -7.59 14.96 20.90
C3 GOL L . -7.08 16.09 18.83
O3 GOL L . -5.76 16.15 19.40
C1 GOL M . -24.09 18.92 5.45
O1 GOL M . -25.39 19.29 5.00
C2 GOL M . -23.56 17.84 4.52
O2 GOL M . -22.60 18.41 3.63
C3 GOL M . -22.92 16.73 5.34
O3 GOL M . -22.35 15.76 4.45
#